data_5VI0
#
_entry.id   5VI0
#
_cell.length_a   80.636
_cell.length_b   94.935
_cell.length_c   134.030
_cell.angle_alpha   90.000
_cell.angle_beta   90.000
_cell.angle_gamma   90.000
#
_symmetry.space_group_name_H-M   'P 21 21 21'
#
loop_
_entity.id
_entity.type
_entity.pdbx_description
1 polymer 'alkylpurine DNA glycosylase AlkC'
2 polymer "DNA (5'-D(*TP*GP*TP*CP*CP*AP*(3DR)P*GP*TP*CP*T)-3')"
3 polymer "DNA (5'-D(*AP*AP*GP*AP*CP*TP*TP*GP*GP*AP*C)-3')"
4 non-polymer 'polyethylene glycol'
5 non-polymer 'SODIUM ION'
6 water water
#
loop_
_entity_poly.entity_id
_entity_poly.type
_entity_poly.pdbx_seq_one_letter_code
_entity_poly.pdbx_strand_id
1 'polypeptide(L)'
;GPGS(MSE)TDQAAPALKEIFNVERLQHIASE(MSE)TAVYPAFDAKGFLKHAKAGLAELSV(MSE)QR(MSE)ARVSES
LHAVIPLDYPQTLTLLYALAPRLNSGFVSLFLPHYVASYGRDDFKRS(MSE)AALKYFTTFGSAEFAIRHFLLHDFQRTL
AV(MSE)QAWSQDDNEHVRRLASEGSRPRLPWSFRLAEVQADPELCASILDHLKADSSLYVRKSVANHLNDITKDHPEWV
LSLIEGWNLENPHTAWIARHALRSLIKQGNTRALTL(MSE)GAGAKAEVKIHHL(MSE)VTPAVINLGERINLSFTLEST
APAPQKLVVDYAIDYVKSTGHGAAKVFKLKAFSLGAGAQQHIRREQHIRD(MSE)TTRKHYPGRHVVHVLVNGERLGSAE
FELRA
;
A,B
2 'polydeoxyribonucleotide' (DT)(DG)(DT)(DC)(DC)(DA)(3DR)(DG)(DT)(DC)(DT) C,F
3 'polydeoxyribonucleotide' (DA)(DA)(DG)(DA)(DC)(DT)(DT)(DG)(DG)(DA)(DC) D,E
#
# COMPACT_ATOMS: atom_id res chain seq x y z
N ALA A 9 -13.55 -13.53 -9.48
CA ALA A 9 -13.85 -14.23 -8.23
C ALA A 9 -12.69 -14.11 -7.24
N ALA A 10 -12.96 -13.49 -6.08
CA ALA A 10 -11.92 -13.16 -5.12
C ALA A 10 -11.44 -14.42 -4.39
N PRO A 11 -10.19 -14.40 -3.92
CA PRO A 11 -9.74 -15.48 -3.03
C PRO A 11 -10.57 -15.49 -1.74
N ALA A 12 -10.83 -16.70 -1.23
CA ALA A 12 -11.54 -16.84 0.03
C ALA A 12 -10.85 -16.01 1.11
N LEU A 13 -11.64 -15.48 2.05
CA LEU A 13 -11.10 -14.56 3.05
C LEU A 13 -10.16 -15.24 4.04
N LYS A 14 -10.25 -16.55 4.21
CA LYS A 14 -9.30 -17.23 5.09
C LYS A 14 -7.88 -17.13 4.55
N GLU A 15 -7.71 -16.84 3.27
CA GLU A 15 -6.38 -16.71 2.72
C GLU A 15 -5.69 -15.43 3.15
N ILE A 16 -6.38 -14.53 3.86
CA ILE A 16 -5.67 -13.43 4.51
C ILE A 16 -4.65 -13.98 5.49
N PHE A 17 -5.00 -15.04 6.22
CA PHE A 17 -4.07 -15.74 7.11
C PHE A 17 -3.44 -16.94 6.40
N ASN A 18 -2.70 -16.67 5.33
CA ASN A 18 -1.99 -17.76 4.66
C ASN A 18 -0.57 -17.84 5.22
N VAL A 19 0.22 -18.77 4.66
CA VAL A 19 1.55 -18.98 5.20
C VAL A 19 2.41 -17.75 4.99
N GLU A 20 2.23 -17.06 3.87
CA GLU A 20 2.99 -15.82 3.64
C GLU A 20 2.79 -14.85 4.78
N ARG A 21 1.53 -14.67 5.18
CA ARG A 21 1.25 -13.71 6.23
C ARG A 21 1.72 -14.21 7.60
N LEU A 22 1.59 -15.52 7.85
CA LEU A 22 2.19 -16.09 9.05
C LEU A 22 3.68 -15.79 9.12
N GLN A 23 4.37 -15.91 7.98
CA GLN A 23 5.79 -15.58 7.94
C GLN A 23 6.02 -14.09 8.15
N HIS A 24 5.10 -13.23 7.67
CA HIS A 24 5.20 -11.81 7.94
C HIS A 24 5.07 -11.53 9.43
N ILE A 25 4.09 -12.15 10.07
CA ILE A 25 3.89 -11.97 11.50
C ILE A 25 5.09 -12.46 12.29
N ALA A 26 5.67 -13.60 11.91
CA ALA A 26 6.83 -14.08 12.65
C ALA A 26 8.04 -13.19 12.41
N SER A 27 8.16 -12.61 11.21
CA SER A 27 9.27 -11.69 10.96
C SER A 27 9.17 -10.46 11.84
N GLU A 28 7.99 -9.84 11.86
CA GLU A 28 7.79 -8.64 12.66
C GLU A 28 7.92 -8.95 14.14
N THR A 30 9.85 -11.24 15.45
CA THR A 30 11.27 -11.34 15.75
C THR A 30 11.92 -9.97 15.83
N ALA A 31 11.45 -9.00 15.03
CA ALA A 31 12.01 -7.66 15.13
C ALA A 31 11.71 -7.04 16.49
N VAL A 32 10.52 -7.31 17.03
CA VAL A 32 10.15 -6.76 18.32
C VAL A 32 10.75 -7.55 19.49
N TYR A 33 11.10 -8.81 19.25
CA TYR A 33 11.46 -9.74 20.32
C TYR A 33 12.49 -10.72 19.77
N PRO A 34 13.77 -10.34 19.78
CA PRO A 34 14.77 -11.14 19.06
C PRO A 34 14.84 -12.58 19.50
N ALA A 35 14.54 -12.88 20.76
CA ALA A 35 14.53 -14.27 21.21
C ALA A 35 13.26 -15.02 20.82
N PHE A 36 12.46 -14.47 19.91
CA PHE A 36 11.18 -15.07 19.54
C PHE A 36 11.39 -16.43 18.89
N ASP A 37 10.59 -17.40 19.32
CA ASP A 37 10.66 -18.77 18.77
C ASP A 37 9.87 -18.82 17.47
N ALA A 38 10.39 -18.13 16.46
CA ALA A 38 9.69 -18.01 15.19
C ALA A 38 9.40 -19.38 14.57
N LYS A 39 10.34 -20.32 14.70
CA LYS A 39 10.18 -21.62 14.07
C LYS A 39 9.07 -22.40 14.77
N GLY A 40 9.08 -22.40 16.10
CA GLY A 40 8.00 -23.03 16.84
C GLY A 40 6.66 -22.40 16.54
N PHE A 41 6.64 -21.07 16.41
CA PHE A 41 5.38 -20.38 16.12
C PHE A 41 4.81 -20.81 14.77
N LEU A 42 5.65 -20.83 13.73
CA LEU A 42 5.18 -21.24 12.40
C LEU A 42 4.71 -22.69 12.40
N LYS A 43 5.42 -23.56 13.12
CA LYS A 43 5.04 -24.96 13.22
C LYS A 43 3.66 -25.10 13.86
N HIS A 44 3.44 -24.41 14.97
CA HIS A 44 2.16 -24.45 15.67
C HIS A 44 1.03 -23.94 14.77
N ALA A 45 1.26 -22.79 14.13
CA ALA A 45 0.19 -22.13 13.38
C ALA A 45 -0.17 -22.89 12.10
N LYS A 46 0.75 -23.64 11.51
CA LYS A 46 0.47 -24.26 10.21
C LYS A 46 -0.23 -25.61 10.32
N ALA A 47 -0.28 -26.19 11.51
CA ALA A 47 -0.83 -27.53 11.70
C ALA A 47 -2.34 -27.53 11.46
N GLY A 48 -2.76 -28.18 10.37
CA GLY A 48 -4.16 -28.15 10.00
C GLY A 48 -4.63 -26.83 9.46
N LEU A 49 -3.70 -25.93 9.08
CA LEU A 49 -4.06 -24.60 8.60
C LEU A 49 -5.09 -24.66 7.49
N ALA A 50 -4.97 -25.65 6.62
CA ALA A 50 -5.81 -25.73 5.43
C ALA A 50 -7.28 -25.82 5.80
N GLU A 51 -7.62 -26.64 6.81
CA GLU A 51 -9.00 -26.85 7.20
C GLU A 51 -9.54 -25.80 8.18
N LEU A 52 -8.84 -24.67 8.37
CA LEU A 52 -9.27 -23.66 9.31
C LEU A 52 -9.98 -22.50 8.59
N SER A 53 -11.17 -22.14 9.08
CA SER A 53 -11.89 -20.96 8.59
C SER A 53 -11.14 -19.68 8.97
N VAL A 54 -11.63 -18.55 8.43
CA VAL A 54 -10.87 -17.30 8.57
C VAL A 54 -10.78 -16.89 10.03
N GLN A 56 -11.19 -18.93 12.65
CA GLN A 56 -10.36 -19.95 13.26
C GLN A 56 -8.88 -19.65 13.07
N ARG A 57 -8.51 -19.03 11.93
CA ARG A 57 -7.12 -18.70 11.68
C ARG A 57 -6.67 -17.51 12.54
N ALA A 59 -7.75 -16.82 15.46
CA ALA A 59 -7.55 -17.38 16.79
C ALA A 59 -6.26 -18.19 16.86
N ARG A 60 -5.99 -18.99 15.83
CA ARG A 60 -4.78 -19.82 15.83
C ARG A 60 -3.52 -18.96 15.98
N VAL A 61 -3.47 -17.81 15.29
CA VAL A 61 -2.30 -16.96 15.40
C VAL A 61 -2.10 -16.57 16.86
N SER A 62 -3.19 -16.22 17.54
CA SER A 62 -3.10 -15.84 18.93
C SER A 62 -2.66 -17.03 19.79
N GLU A 63 -3.21 -18.21 19.54
CA GLU A 63 -2.83 -19.39 20.32
C GLU A 63 -1.40 -19.79 20.05
N SER A 64 -0.94 -19.63 18.80
CA SER A 64 0.42 -20.02 18.47
C SER A 64 1.44 -19.11 19.13
N LEU A 65 1.17 -17.81 19.14
CA LEU A 65 2.03 -16.89 19.88
C LEU A 65 2.05 -17.26 21.36
N HIS A 66 0.88 -17.53 21.95
CA HIS A 66 0.85 -17.83 23.37
C HIS A 66 1.64 -19.09 23.68
N ALA A 67 1.61 -20.07 22.77
CA ALA A 67 2.26 -21.35 23.01
C ALA A 67 3.78 -21.26 22.98
N VAL A 68 4.37 -20.28 22.29
CA VAL A 68 5.83 -20.22 22.16
C VAL A 68 6.48 -19.04 22.84
N ILE A 69 5.74 -18.07 23.36
CA ILE A 69 6.32 -16.92 24.04
C ILE A 69 6.39 -17.22 25.53
N PRO A 70 7.59 -17.26 26.14
CA PRO A 70 7.70 -17.70 27.54
C PRO A 70 7.57 -16.59 28.56
N LEU A 71 6.90 -15.50 28.19
CA LEU A 71 6.70 -14.37 29.07
C LEU A 71 5.27 -14.39 29.62
N ASP A 72 5.06 -13.62 30.69
CA ASP A 72 3.76 -13.55 31.31
C ASP A 72 2.87 -12.54 30.59
N TYR A 73 1.63 -12.38 31.09
CA TYR A 73 0.65 -11.54 30.39
C TYR A 73 1.13 -10.09 30.22
N PRO A 74 1.54 -9.36 31.26
CA PRO A 74 2.05 -7.99 31.01
C PRO A 74 3.23 -7.95 30.07
N GLN A 75 4.22 -8.83 30.28
CA GLN A 75 5.40 -8.83 29.43
C GLN A 75 5.05 -9.11 27.97
N THR A 76 4.13 -10.03 27.72
CA THR A 76 3.72 -10.28 26.35
C THR A 76 2.96 -9.09 25.78
N LEU A 77 2.12 -8.44 26.59
CA LEU A 77 1.40 -7.27 26.11
C LEU A 77 2.37 -6.20 25.64
N THR A 78 3.51 -6.06 26.32
CA THR A 78 4.50 -5.08 25.89
C THR A 78 4.98 -5.38 24.46
N LEU A 79 5.35 -6.64 24.20
CA LEU A 79 5.70 -7.00 22.84
C LEU A 79 4.52 -6.80 21.89
N LEU A 80 3.30 -7.13 22.32
CA LEU A 80 2.17 -7.03 21.42
C LEU A 80 1.87 -5.57 21.09
N TYR A 81 2.05 -4.65 22.05
CA TYR A 81 1.90 -3.23 21.72
C TYR A 81 2.87 -2.81 20.63
N ALA A 82 4.13 -3.26 20.74
CA ALA A 82 5.09 -2.94 19.71
C ALA A 82 4.76 -3.61 18.39
N LEU A 83 4.13 -4.80 18.44
CA LEU A 83 3.81 -5.50 17.21
C LEU A 83 2.71 -4.77 16.43
N ALA A 84 1.70 -4.25 17.13
CA ALA A 84 0.50 -3.74 16.47
C ALA A 84 0.78 -2.81 15.30
N PRO A 85 1.58 -1.73 15.45
CA PRO A 85 1.74 -0.80 14.32
C PRO A 85 2.49 -1.39 13.13
N ARG A 86 3.07 -2.58 13.27
CA ARG A 86 3.89 -3.16 12.21
C ARG A 86 3.12 -4.11 11.30
N LEU A 87 1.92 -4.53 11.69
CA LEU A 87 1.12 -5.43 10.88
C LEU A 87 0.49 -4.69 9.70
N ASN A 88 0.45 -5.35 8.54
CA ASN A 88 -0.01 -4.67 7.34
C ASN A 88 -1.47 -4.22 7.45
N SER A 89 -2.31 -5.05 8.09
CA SER A 89 -3.75 -4.99 7.89
C SER A 89 -4.54 -4.94 9.19
N GLY A 90 -5.59 -4.13 9.19
CA GLY A 90 -6.51 -4.11 10.32
C GLY A 90 -7.23 -5.43 10.54
N PHE A 91 -7.61 -6.11 9.45
CA PHE A 91 -8.20 -7.43 9.58
C PHE A 91 -7.23 -8.41 10.23
N VAL A 92 -5.98 -8.40 9.77
CA VAL A 92 -4.99 -9.33 10.32
C VAL A 92 -4.84 -9.13 11.82
N SER A 93 -4.92 -7.89 12.28
CA SER A 93 -4.65 -7.60 13.66
C SER A 93 -5.81 -7.92 14.59
N LEU A 94 -6.89 -8.52 14.08
CA LEU A 94 -7.90 -9.06 15.01
C LEU A 94 -7.30 -10.03 16.02
N PHE A 95 -6.16 -10.66 15.73
CA PHE A 95 -5.69 -11.64 16.69
C PHE A 95 -5.16 -11.00 17.96
N LEU A 96 -4.86 -9.71 17.92
CA LEU A 96 -4.39 -9.02 19.10
C LEU A 96 -5.52 -8.81 20.11
N PRO A 97 -6.67 -8.24 19.73
CA PRO A 97 -7.81 -8.29 20.67
C PRO A 97 -8.14 -9.69 21.08
N HIS A 98 -8.05 -10.65 20.16
CA HIS A 98 -8.39 -12.01 20.49
C HIS A 98 -7.47 -12.54 21.58
N TYR A 99 -6.18 -12.17 21.51
CA TYR A 99 -5.24 -12.57 22.55
C TYR A 99 -5.68 -12.07 23.91
N VAL A 100 -6.12 -10.82 23.98
CA VAL A 100 -6.62 -10.27 25.25
C VAL A 100 -7.79 -11.08 25.76
N ALA A 101 -8.75 -11.37 24.89
CA ALA A 101 -9.93 -12.11 25.31
C ALA A 101 -9.57 -13.52 25.78
N SER A 102 -8.59 -14.15 25.15
CA SER A 102 -8.18 -15.49 25.55
C SER A 102 -7.45 -15.49 26.89
N TYR A 103 -6.48 -14.59 27.08
CA TYR A 103 -5.54 -14.72 28.18
C TYR A 103 -5.60 -13.60 29.20
N GLY A 104 -6.55 -12.69 29.08
CA GLY A 104 -6.60 -11.54 29.96
C GLY A 104 -7.79 -11.51 30.91
N ARG A 105 -8.45 -12.66 31.12
CA ARG A 105 -9.64 -12.70 31.97
C ARG A 105 -9.30 -12.77 33.46
N ASP A 106 -8.03 -12.91 33.85
CA ASP A 106 -7.64 -12.77 35.25
C ASP A 106 -7.19 -11.35 35.58
N ASP A 107 -6.98 -10.49 34.57
CA ASP A 107 -6.42 -9.14 34.77
C ASP A 107 -7.28 -8.13 33.98
N PHE A 108 -8.48 -7.87 34.50
CA PHE A 108 -9.47 -7.09 33.77
C PHE A 108 -8.91 -5.73 33.36
N LYS A 109 -8.35 -4.99 34.32
CA LYS A 109 -7.88 -3.62 34.09
C LYS A 109 -6.88 -3.55 32.94
N ARG A 110 -5.80 -4.32 33.01
CA ARG A 110 -4.81 -4.28 31.94
C ARG A 110 -5.42 -4.69 30.61
N SER A 111 -6.43 -5.57 30.64
CA SER A 111 -7.04 -6.06 29.41
C SER A 111 -7.81 -4.96 28.70
N ALA A 113 -7.35 -1.81 28.97
CA ALA A 113 -6.33 -0.92 28.43
C ALA A 113 -5.77 -1.45 27.13
N ALA A 114 -5.50 -2.75 27.06
CA ALA A 114 -4.96 -3.35 25.85
C ALA A 114 -5.97 -3.31 24.69
N LEU A 115 -7.25 -3.62 24.97
CA LEU A 115 -8.27 -3.51 23.94
C LEU A 115 -8.38 -2.08 23.43
N LYS A 116 -8.39 -1.10 24.35
CA LYS A 116 -8.49 0.30 23.95
C LYS A 116 -7.36 0.68 23.00
N TYR A 117 -6.17 0.13 23.22
CA TYR A 117 -5.05 0.42 22.33
C TYR A 117 -5.12 -0.40 21.04
N PHE A 118 -5.45 -1.68 21.15
CA PHE A 118 -5.44 -2.54 19.97
C PHE A 118 -6.51 -2.14 18.96
N THR A 119 -7.68 -1.68 19.44
CA THR A 119 -8.79 -1.41 18.54
C THR A 119 -8.46 -0.34 17.51
N THR A 120 -7.50 0.56 17.79
CA THR A 120 -7.14 1.60 16.83
C THR A 120 -6.39 1.05 15.62
N PHE A 121 -5.88 -0.18 15.68
CA PHE A 121 -5.17 -0.80 14.57
C PHE A 121 -6.06 -1.75 13.77
N GLY A 122 -7.28 -1.99 14.22
CA GLY A 122 -8.18 -2.89 13.56
C GLY A 122 -9.51 -2.79 14.27
N SER A 123 -9.82 -3.78 15.11
CA SER A 123 -11.05 -3.68 15.88
C SER A 123 -11.12 -4.73 16.97
N ALA A 124 -11.45 -4.30 18.19
CA ALA A 124 -11.73 -5.22 19.28
C ALA A 124 -13.22 -5.55 19.39
N GLU A 125 -13.98 -5.41 18.31
CA GLU A 125 -15.43 -5.59 18.40
C GLU A 125 -15.78 -7.03 18.74
N PHE A 126 -15.02 -8.01 18.23
CA PHE A 126 -15.33 -9.40 18.56
C PHE A 126 -14.86 -9.73 19.96
N ALA A 127 -13.68 -9.24 20.33
CA ALA A 127 -13.07 -9.62 21.61
C ALA A 127 -13.81 -9.02 22.79
N ILE A 128 -14.31 -7.79 22.65
CA ILE A 128 -15.00 -7.15 23.75
C ILE A 128 -16.25 -7.93 24.12
N ARG A 129 -16.79 -8.69 23.16
CA ARG A 129 -18.07 -9.33 23.38
C ARG A 129 -17.96 -10.54 24.31
N HIS A 130 -16.79 -11.17 24.39
CA HIS A 130 -16.61 -12.19 25.43
C HIS A 130 -16.64 -11.54 26.81
N PHE A 131 -16.02 -10.37 26.95
CA PHE A 131 -16.09 -9.67 28.22
C PHE A 131 -17.53 -9.25 28.54
N LEU A 132 -18.26 -8.74 27.54
CA LEU A 132 -19.67 -8.43 27.76
C LEU A 132 -20.47 -9.67 28.08
N LEU A 133 -20.10 -10.82 27.50
CA LEU A 133 -20.81 -12.06 27.78
C LEU A 133 -20.71 -12.42 29.26
N HIS A 134 -19.48 -12.52 29.78
CA HIS A 134 -19.27 -13.13 31.09
C HIS A 134 -18.95 -12.12 32.19
N ASP A 135 -18.91 -10.83 31.89
CA ASP A 135 -18.55 -9.82 32.88
C ASP A 135 -19.24 -8.51 32.52
N PHE A 136 -20.57 -8.57 32.31
CA PHE A 136 -21.26 -7.53 31.55
C PHE A 136 -21.16 -6.16 32.21
N GLN A 137 -21.56 -6.07 33.48
CA GLN A 137 -21.74 -4.77 34.10
C GLN A 137 -20.41 -4.04 34.21
N ARG A 138 -19.35 -4.76 34.57
CA ARG A 138 -18.01 -4.17 34.60
C ARG A 138 -17.58 -3.70 33.22
N THR A 139 -17.85 -4.51 32.19
CA THR A 139 -17.44 -4.17 30.84
C THR A 139 -18.26 -3.00 30.30
N LEU A 140 -19.57 -3.01 30.54
CA LEU A 140 -20.41 -1.91 30.07
C LEU A 140 -19.92 -0.57 30.56
N ALA A 141 -19.49 -0.49 31.83
CA ALA A 141 -18.98 0.77 32.37
C ALA A 141 -17.75 1.24 31.61
N VAL A 142 -16.82 0.33 31.32
CA VAL A 142 -15.64 0.68 30.52
C VAL A 142 -16.08 1.35 29.22
N GLN A 144 -18.87 2.85 28.46
CA GLN A 144 -19.45 4.18 28.66
C GLN A 144 -18.37 5.23 28.76
N ALA A 145 -17.24 4.87 29.38
CA ALA A 145 -16.09 5.76 29.36
C ALA A 145 -15.53 5.87 27.95
N TRP A 146 -15.36 4.73 27.27
CA TRP A 146 -14.83 4.75 25.91
C TRP A 146 -15.67 5.61 24.97
N SER A 147 -16.98 5.70 25.22
CA SER A 147 -17.80 6.52 24.33
C SER A 147 -17.45 8.00 24.40
N GLN A 148 -16.68 8.42 25.40
CA GLN A 148 -16.29 9.82 25.56
C GLN A 148 -14.80 10.04 25.30
N ASP A 149 -14.11 9.03 24.78
CA ASP A 149 -12.69 9.16 24.44
C ASP A 149 -12.50 10.12 23.25
N ASP A 150 -11.27 10.59 23.09
CA ASP A 150 -10.92 11.46 21.98
C ASP A 150 -10.67 10.71 20.69
N ASN A 151 -10.37 9.42 20.77
CA ASN A 151 -10.05 8.62 19.61
C ASN A 151 -11.34 8.07 19.00
N GLU A 152 -11.57 8.37 17.72
CA GLU A 152 -12.79 7.91 17.09
C GLU A 152 -12.84 6.37 17.04
N HIS A 153 -11.67 5.71 17.04
CA HIS A 153 -11.68 4.25 17.05
C HIS A 153 -12.19 3.71 18.36
N VAL A 154 -11.81 4.34 19.47
CA VAL A 154 -12.27 3.93 20.79
C VAL A 154 -13.75 4.22 20.93
N ARG A 155 -14.18 5.44 20.56
CA ARG A 155 -15.61 5.74 20.54
C ARG A 155 -16.37 4.72 19.69
N ARG A 156 -15.83 4.38 18.51
CA ARG A 156 -16.51 3.43 17.65
C ARG A 156 -16.65 2.06 18.31
N LEU A 157 -15.61 1.60 19.02
CA LEU A 157 -15.69 0.31 19.72
C LEU A 157 -16.84 0.31 20.74
N ALA A 158 -16.99 1.39 21.49
CA ALA A 158 -18.11 1.52 22.43
C ALA A 158 -19.43 1.21 21.75
N SER A 159 -19.60 1.71 20.53
CA SER A 159 -20.86 1.51 19.83
C SER A 159 -20.92 0.15 19.15
N GLU A 160 -19.86 -0.23 18.43
CA GLU A 160 -19.90 -1.43 17.62
C GLU A 160 -19.88 -2.69 18.48
N GLY A 161 -19.03 -2.72 19.50
CA GLY A 161 -18.89 -3.93 20.29
C GLY A 161 -20.14 -4.31 21.05
N SER A 162 -21.01 -3.35 21.36
CA SER A 162 -22.19 -3.63 22.17
C SER A 162 -23.44 -3.84 21.34
N ARG A 163 -23.31 -3.95 20.03
CA ARG A 163 -24.49 -4.11 19.19
C ARG A 163 -25.21 -5.41 19.55
N PRO A 164 -26.55 -5.41 19.55
CA PRO A 164 -27.27 -6.68 19.73
C PRO A 164 -26.90 -7.72 18.69
N ARG A 165 -26.81 -7.34 17.40
CA ARG A 165 -26.61 -8.30 16.33
C ARG A 165 -25.38 -8.02 15.47
N LEU A 166 -24.20 -8.04 16.05
CA LEU A 166 -22.98 -7.83 15.28
C LEU A 166 -22.78 -8.96 14.27
N PRO A 167 -22.54 -8.67 13.00
CA PRO A 167 -22.25 -9.77 12.05
C PRO A 167 -20.94 -10.49 12.39
N TRP A 168 -20.96 -11.81 12.19
CA TRP A 168 -19.85 -12.72 12.52
C TRP A 168 -19.65 -12.86 14.01
N SER A 169 -20.65 -12.56 14.83
CA SER A 169 -20.53 -12.80 16.26
C SER A 169 -21.87 -13.27 16.78
N PHE A 170 -21.83 -13.98 17.90
CA PHE A 170 -23.06 -14.32 18.60
C PHE A 170 -23.80 -13.04 18.98
N ARG A 171 -25.12 -13.14 19.07
CA ARG A 171 -25.90 -12.01 19.54
C ARG A 171 -25.75 -11.86 21.04
N LEU A 172 -25.86 -10.61 21.50
CA LEU A 172 -25.78 -10.29 22.92
C LEU A 172 -27.20 -10.28 23.47
N ALA A 173 -27.62 -11.42 24.03
CA ALA A 173 -29.02 -11.59 24.42
C ALA A 173 -29.44 -10.56 25.44
N GLU A 174 -28.55 -10.29 26.40
CA GLU A 174 -28.85 -9.30 27.43
C GLU A 174 -29.10 -7.93 26.81
N VAL A 175 -28.22 -7.52 25.89
CA VAL A 175 -28.39 -6.22 25.24
C VAL A 175 -29.62 -6.24 24.34
N GLN A 176 -29.78 -7.32 23.55
CA GLN A 176 -30.90 -7.44 22.63
C GLN A 176 -32.23 -7.35 23.36
N ALA A 177 -32.30 -7.87 24.58
CA ALA A 177 -33.56 -7.88 25.30
C ALA A 177 -33.89 -6.52 25.92
N ASP A 178 -32.87 -5.71 26.24
CA ASP A 178 -33.07 -4.45 26.96
C ASP A 178 -32.26 -3.32 26.31
N PRO A 179 -32.90 -2.47 25.51
CA PRO A 179 -32.16 -1.34 24.90
C PRO A 179 -31.81 -0.23 25.90
N GLU A 180 -32.30 -0.28 27.13
CA GLU A 180 -31.93 0.77 28.08
C GLU A 180 -30.49 0.62 28.54
N LEU A 181 -29.91 -0.57 28.41
CA LEU A 181 -28.58 -0.83 28.95
C LEU A 181 -27.51 0.00 28.25
N CYS A 182 -27.55 0.05 26.92
CA CYS A 182 -26.55 0.78 26.15
C CYS A 182 -27.00 2.18 25.75
N ALA A 183 -28.13 2.64 26.27
CA ALA A 183 -28.76 3.86 25.77
C ALA A 183 -27.85 5.07 25.95
N SER A 184 -27.23 5.20 27.13
CA SER A 184 -26.40 6.38 27.38
C SER A 184 -25.14 6.37 26.51
N ILE A 185 -24.64 5.18 26.12
CA ILE A 185 -23.52 5.13 25.17
C ILE A 185 -23.93 5.77 23.86
N LEU A 186 -25.11 5.40 23.35
CA LEU A 186 -25.55 5.94 22.07
C LEU A 186 -25.92 7.41 22.19
N ASP A 187 -26.35 7.84 23.38
CA ASP A 187 -26.73 9.23 23.56
C ASP A 187 -25.51 10.14 23.45
N HIS A 188 -24.39 9.71 24.04
CA HIS A 188 -23.14 10.46 23.97
C HIS A 188 -22.59 10.54 22.55
N LEU A 189 -23.00 9.64 21.66
CA LEU A 189 -22.44 9.56 20.32
C LEU A 189 -23.35 10.09 19.22
N LYS A 190 -24.59 10.48 19.54
CA LYS A 190 -25.65 10.81 18.57
C LYS A 190 -25.39 12.09 17.78
N ALA A 191 -24.28 12.78 18.03
CA ALA A 191 -23.91 13.96 17.26
C ALA A 191 -22.43 13.89 16.85
N ASP A 192 -21.88 12.68 16.81
CA ASP A 192 -20.45 12.52 16.59
C ASP A 192 -20.03 13.00 15.22
N SER A 193 -18.88 13.67 15.16
CA SER A 193 -18.40 14.16 13.88
C SER A 193 -17.89 13.02 13.02
N SER A 194 -17.37 11.98 13.64
CA SER A 194 -16.73 10.89 12.91
C SER A 194 -17.75 10.10 12.10
N LEU A 195 -17.55 10.02 10.80
CA LEU A 195 -18.36 9.13 9.98
C LEU A 195 -18.26 7.68 10.48
N TYR A 196 -17.06 7.27 10.89
CA TYR A 196 -16.83 5.90 11.34
C TYR A 196 -17.69 5.59 12.55
N VAL A 197 -17.68 6.50 13.54
CA VAL A 197 -18.56 6.36 14.70
C VAL A 197 -20.03 6.41 14.28
N ARG A 198 -20.38 7.37 13.41
CA ARG A 198 -21.78 7.56 13.05
C ARG A 198 -22.37 6.31 12.39
N LYS A 199 -21.63 5.67 11.50
CA LYS A 199 -22.09 4.37 10.97
C LYS A 199 -22.42 3.42 12.12
N SER A 200 -21.50 3.29 13.07
CA SER A 200 -21.67 2.33 14.16
C SER A 200 -22.92 2.63 14.98
N VAL A 201 -23.14 3.90 15.32
CA VAL A 201 -24.37 4.23 16.07
C VAL A 201 -25.59 3.80 15.27
N ALA A 202 -25.61 4.13 13.97
CA ALA A 202 -26.77 3.81 13.14
C ALA A 202 -26.98 2.31 13.03
N ASN A 203 -25.90 1.57 12.77
CA ASN A 203 -26.02 0.12 12.64
C ASN A 203 -26.48 -0.50 13.95
N HIS A 204 -26.00 0.03 15.07
CA HIS A 204 -26.49 -0.41 16.37
C HIS A 204 -27.99 -0.17 16.51
N LEU A 205 -28.44 1.07 16.22
CA LEU A 205 -29.87 1.38 16.29
C LEU A 205 -30.68 0.54 15.31
N ASN A 206 -30.15 0.32 14.12
CA ASN A 206 -30.83 -0.58 13.17
C ASN A 206 -31.09 -1.95 13.80
N ASP A 207 -30.04 -2.57 14.38
CA ASP A 207 -30.20 -3.80 15.15
C ASP A 207 -31.35 -3.72 16.16
N ILE A 208 -31.41 -2.62 16.92
CA ILE A 208 -32.47 -2.49 17.91
C ILE A 208 -33.84 -2.49 17.25
N THR A 209 -33.98 -1.90 16.05
CA THR A 209 -35.32 -1.85 15.46
C THR A 209 -35.81 -3.23 15.08
N LYS A 210 -34.92 -4.22 14.96
CA LYS A 210 -35.37 -5.58 14.69
C LYS A 210 -36.21 -6.13 15.83
N ASP A 211 -36.07 -5.60 17.05
CA ASP A 211 -36.75 -6.16 18.21
C ASP A 211 -37.47 -5.13 19.07
N HIS A 212 -37.09 -3.85 19.00
CA HIS A 212 -37.79 -2.78 19.71
C HIS A 212 -37.98 -1.58 18.79
N PRO A 213 -38.72 -1.77 17.70
CA PRO A 213 -38.98 -0.65 16.77
C PRO A 213 -39.58 0.58 17.44
N GLU A 214 -40.57 0.40 18.31
CA GLU A 214 -41.24 1.56 18.90
C GLU A 214 -40.30 2.32 19.82
N TRP A 215 -39.43 1.59 20.51
CA TRP A 215 -38.44 2.23 21.36
C TRP A 215 -37.52 3.13 20.55
N VAL A 216 -37.01 2.61 19.42
CA VAL A 216 -36.12 3.42 18.60
C VAL A 216 -36.84 4.64 18.05
N LEU A 217 -38.07 4.45 17.58
CA LEU A 217 -38.84 5.57 17.03
C LEU A 217 -38.96 6.68 18.07
N SER A 218 -39.29 6.33 19.31
CA SER A 218 -39.50 7.36 20.32
C SER A 218 -38.20 8.09 20.63
N LEU A 219 -37.11 7.35 20.81
CA LEU A 219 -35.79 7.95 20.99
C LEU A 219 -35.53 9.02 19.93
N ILE A 220 -35.67 8.65 18.66
CA ILE A 220 -35.28 9.55 17.59
C ILE A 220 -36.28 10.69 17.43
N GLU A 221 -37.56 10.42 17.69
CA GLU A 221 -38.52 11.52 17.79
C GLU A 221 -38.16 12.48 18.91
N GLY A 222 -37.31 12.09 19.85
CA GLY A 222 -36.81 13.04 20.81
C GLY A 222 -35.54 13.77 20.39
N TRP A 223 -35.00 13.49 19.20
CA TRP A 223 -33.71 14.06 18.82
C TRP A 223 -33.86 15.38 18.09
N ASN A 224 -32.77 16.13 18.07
CA ASN A 224 -32.71 17.42 17.39
C ASN A 224 -32.10 17.17 16.02
N LEU A 225 -32.95 17.00 15.01
CA LEU A 225 -32.41 16.70 13.70
C LEU A 225 -31.90 17.93 12.98
N GLU A 226 -31.91 19.10 13.61
CA GLU A 226 -31.22 20.26 13.04
C GLU A 226 -29.73 19.97 12.93
N ASN A 227 -29.21 19.16 13.83
CA ASN A 227 -27.80 18.81 13.80
C ASN A 227 -27.55 17.84 12.66
N PRO A 228 -26.64 18.16 11.73
CA PRO A 228 -26.49 17.30 10.55
C PRO A 228 -25.93 15.92 10.88
N HIS A 229 -25.03 15.83 11.84
CA HIS A 229 -24.52 14.52 12.24
C HIS A 229 -25.64 13.66 12.83
N THR A 230 -26.45 14.24 13.72
CA THR A 230 -27.61 13.52 14.25
C THR A 230 -28.56 13.11 13.13
N ALA A 231 -28.85 14.03 12.21
CA ALA A 231 -29.75 13.71 11.12
C ALA A 231 -29.22 12.54 10.30
N TRP A 232 -27.92 12.54 9.99
CA TRP A 232 -27.30 11.42 9.30
C TRP A 232 -27.55 10.11 10.04
N ILE A 233 -27.32 10.10 11.35
CA ILE A 233 -27.49 8.88 12.14
C ILE A 233 -28.94 8.43 12.12
N ALA A 234 -29.88 9.38 12.15
CA ALA A 234 -31.28 9.01 12.18
C ALA A 234 -31.70 8.31 10.90
N ARG A 235 -31.39 8.90 9.74
CA ARG A 235 -31.74 8.28 8.46
C ARG A 235 -31.23 6.83 8.37
N HIS A 236 -29.98 6.59 8.78
CA HIS A 236 -29.46 5.23 8.62
C HIS A 236 -29.86 4.32 9.76
N ALA A 237 -30.16 4.87 10.94
CA ALA A 237 -30.75 4.07 12.00
C ALA A 237 -32.11 3.53 11.60
N LEU A 238 -32.93 4.37 10.97
CA LEU A 238 -34.31 4.04 10.63
C LEU A 238 -34.44 3.31 9.30
N ARG A 239 -33.33 2.93 8.66
CA ARG A 239 -33.37 2.48 7.26
C ARG A 239 -34.25 1.25 7.07
N SER A 240 -34.24 0.30 8.01
CA SER A 240 -35.10 -0.88 7.88
C SER A 240 -36.57 -0.49 7.99
N LEU A 241 -36.90 0.32 9.01
CA LEU A 241 -38.28 0.77 9.17
C LEU A 241 -38.74 1.60 7.96
N ILE A 242 -37.86 2.43 7.40
CA ILE A 242 -38.22 3.16 6.19
C ILE A 242 -38.65 2.19 5.11
N LYS A 243 -37.80 1.19 4.83
CA LYS A 243 -38.11 0.23 3.78
C LYS A 243 -39.37 -0.58 4.08
N GLN A 244 -39.81 -0.60 5.34
CA GLN A 244 -41.09 -1.20 5.67
C GLN A 244 -42.25 -0.24 5.52
N GLY A 245 -41.99 1.03 5.24
CA GLY A 245 -43.06 2.02 5.18
C GLY A 245 -43.63 2.34 6.54
N ASN A 246 -42.81 2.31 7.58
CA ASN A 246 -43.23 2.74 8.90
C ASN A 246 -43.60 4.22 8.88
N THR A 247 -44.84 4.52 9.26
CA THR A 247 -45.36 5.88 9.16
C THR A 247 -44.55 6.86 10.01
N ARG A 248 -44.25 6.46 11.25
CA ARG A 248 -43.50 7.36 12.14
C ARG A 248 -42.11 7.64 11.58
N ALA A 249 -41.46 6.61 11.01
CA ALA A 249 -40.13 6.82 10.43
C ALA A 249 -40.20 7.75 9.22
N LEU A 250 -41.21 7.57 8.35
CA LEU A 250 -41.35 8.43 7.19
C LEU A 250 -41.59 9.88 7.60
N THR A 251 -42.44 10.11 8.61
CA THR A 251 -42.61 11.46 9.17
C THR A 251 -41.28 12.05 9.61
N LEU A 252 -40.47 11.28 10.34
CA LEU A 252 -39.17 11.76 10.81
C LEU A 252 -38.26 12.15 9.66
N GLY A 254 -39.34 13.43 6.96
CA GLY A 254 -40.08 14.39 6.16
C GLY A 254 -41.35 13.81 5.56
N ALA A 259 -51.34 15.68 3.19
CA ALA A 259 -52.00 15.36 1.91
C ALA A 259 -53.53 15.37 2.01
N GLU A 260 -54.17 16.28 1.28
CA GLU A 260 -55.62 16.38 1.28
C GLU A 260 -56.16 15.58 0.10
N VAL A 261 -56.30 14.27 0.33
CA VAL A 261 -56.82 13.37 -0.68
C VAL A 261 -57.78 12.40 0.00
N LYS A 262 -58.70 11.87 -0.79
CA LYS A 262 -59.44 10.68 -0.42
C LYS A 262 -59.23 9.63 -1.51
N ILE A 263 -59.57 8.39 -1.16
CA ILE A 263 -59.29 7.23 -1.99
C ILE A 263 -60.59 6.51 -2.27
N HIS A 264 -60.76 6.03 -3.50
CA HIS A 264 -61.97 5.34 -3.91
C HIS A 264 -61.62 3.98 -4.49
N HIS A 265 -62.44 2.98 -4.18
CA HIS A 265 -62.42 1.71 -4.90
C HIS A 265 -61.06 1.02 -4.81
N LEU A 266 -60.43 1.11 -3.64
CA LEU A 266 -59.19 0.39 -3.41
C LEU A 266 -59.45 -1.11 -3.52
N VAL A 268 -57.57 -5.24 -4.60
CA VAL A 268 -56.53 -6.13 -5.14
C VAL A 268 -57.23 -7.34 -5.74
N THR A 269 -57.06 -7.54 -7.04
CA THR A 269 -57.61 -8.72 -7.71
C THR A 269 -56.48 -9.59 -8.25
N PRO A 270 -56.65 -10.91 -8.25
CA PRO A 270 -57.76 -11.62 -7.64
C PRO A 270 -57.58 -11.69 -6.13
N ALA A 271 -58.61 -12.10 -5.40
CA ALA A 271 -58.49 -12.19 -3.96
C ALA A 271 -57.66 -13.38 -3.50
N VAL A 272 -57.39 -14.34 -4.39
CA VAL A 272 -56.63 -15.54 -4.05
C VAL A 272 -55.81 -15.94 -5.27
N ILE A 273 -54.50 -16.16 -5.07
CA ILE A 273 -53.64 -16.63 -6.15
C ILE A 273 -52.77 -17.78 -5.68
N ASN A 274 -52.26 -18.53 -6.66
CA ASN A 274 -51.15 -19.44 -6.47
C ASN A 274 -49.87 -18.70 -6.81
N LEU A 275 -48.78 -19.12 -6.15
CA LEU A 275 -47.47 -18.61 -6.49
C LEU A 275 -47.23 -18.72 -7.98
N GLY A 276 -46.67 -17.66 -8.56
CA GLY A 276 -46.51 -17.57 -10.00
C GLY A 276 -47.57 -16.73 -10.70
N GLU A 277 -48.69 -16.43 -10.04
CA GLU A 277 -49.73 -15.63 -10.66
C GLU A 277 -49.50 -14.13 -10.43
N ARG A 278 -50.32 -13.33 -11.08
CA ARG A 278 -50.25 -11.87 -11.00
C ARG A 278 -51.39 -11.31 -10.17
N ILE A 279 -51.11 -10.24 -9.44
CA ILE A 279 -52.15 -9.46 -8.79
C ILE A 279 -52.23 -8.10 -9.48
N ASN A 280 -53.34 -7.40 -9.22
CA ASN A 280 -53.54 -6.06 -9.76
C ASN A 280 -54.08 -5.18 -8.65
N LEU A 281 -53.32 -4.14 -8.32
CA LEU A 281 -53.71 -3.13 -7.36
C LEU A 281 -54.29 -1.93 -8.13
N SER A 282 -55.40 -1.38 -7.63
CA SER A 282 -55.92 -0.17 -8.25
C SER A 282 -56.78 0.59 -7.25
N PHE A 283 -56.85 1.90 -7.48
CA PHE A 283 -57.66 2.81 -6.68
C PHE A 283 -57.71 4.13 -7.41
N THR A 284 -58.58 5.02 -6.95
CA THR A 284 -58.60 6.36 -7.48
C THR A 284 -58.38 7.33 -6.34
N LEU A 285 -57.42 8.23 -6.55
CA LEU A 285 -57.17 9.35 -5.66
C LEU A 285 -57.94 10.59 -6.10
N GLU A 286 -58.51 11.30 -5.12
CA GLU A 286 -59.23 12.53 -5.36
C GLU A 286 -58.71 13.60 -4.42
N SER A 287 -58.38 14.77 -4.95
CA SER A 287 -57.94 15.89 -4.13
C SER A 287 -59.12 16.51 -3.38
N THR A 288 -58.88 16.90 -2.12
CA THR A 288 -59.84 17.71 -1.37
C THR A 288 -59.26 19.08 -1.03
N ALA A 289 -58.18 19.50 -1.73
CA ALA A 289 -57.48 20.76 -1.53
C ALA A 289 -57.88 21.77 -2.58
N PRO A 290 -57.78 23.06 -2.27
CA PRO A 290 -58.11 24.10 -3.25
C PRO A 290 -56.99 24.38 -4.25
N ALA A 291 -55.89 23.68 -4.18
CA ALA A 291 -54.79 23.93 -5.11
C ALA A 291 -54.09 22.62 -5.39
N PRO A 292 -53.27 22.55 -6.43
CA PRO A 292 -52.57 21.30 -6.72
C PRO A 292 -51.61 20.92 -5.59
N GLN A 293 -51.37 19.60 -5.48
CA GLN A 293 -50.51 19.04 -4.44
C GLN A 293 -49.51 18.11 -5.08
N LYS A 294 -48.26 18.20 -4.61
CA LYS A 294 -47.24 17.20 -4.95
C LYS A 294 -47.48 15.95 -4.12
N LEU A 295 -47.73 14.83 -4.78
CA LEU A 295 -48.02 13.57 -4.10
C LEU A 295 -46.93 12.55 -4.38
N VAL A 296 -46.57 11.80 -3.35
CA VAL A 296 -45.74 10.61 -3.47
C VAL A 296 -46.62 9.44 -3.03
N VAL A 297 -46.85 8.51 -3.95
CA VAL A 297 -47.80 7.42 -3.74
C VAL A 297 -47.03 6.10 -3.82
N ASP A 298 -47.12 5.30 -2.75
CA ASP A 298 -46.43 4.02 -2.66
C ASP A 298 -47.43 2.98 -2.15
N TYR A 299 -47.00 1.73 -2.16
CA TYR A 299 -47.78 0.70 -1.48
C TYR A 299 -46.85 -0.30 -0.81
N ALA A 300 -47.33 -0.93 0.24
CA ALA A 300 -46.54 -1.89 0.97
C ALA A 300 -47.29 -3.21 1.06
N ILE A 301 -46.55 -4.29 0.91
CA ILE A 301 -47.07 -5.64 1.09
C ILE A 301 -46.48 -6.17 2.39
N ASP A 302 -47.33 -6.59 3.32
CA ASP A 302 -46.86 -7.33 4.49
C ASP A 302 -46.64 -8.76 4.04
N TYR A 303 -45.47 -9.02 3.49
CA TYR A 303 -45.15 -10.36 3.03
C TYR A 303 -45.11 -11.31 4.22
N VAL A 304 -45.72 -12.48 4.06
CA VAL A 304 -45.67 -13.51 5.08
C VAL A 304 -44.31 -14.20 5.00
N LYS A 305 -43.59 -14.22 6.13
CA LYS A 305 -42.23 -14.74 6.17
C LYS A 305 -42.17 -16.14 6.78
N SER A 306 -40.94 -16.64 6.99
CA SER A 306 -40.73 -18.01 7.50
C SER A 306 -41.46 -18.23 8.81
N THR A 307 -41.35 -17.28 9.72
CA THR A 307 -41.99 -17.37 11.03
C THR A 307 -43.52 -17.38 10.95
N GLY A 308 -44.11 -17.06 9.80
CA GLY A 308 -45.53 -16.83 9.71
C GLY A 308 -45.95 -15.42 10.03
N HIS A 309 -45.04 -14.58 10.50
CA HIS A 309 -45.30 -13.17 10.71
C HIS A 309 -45.18 -12.41 9.39
N GLY A 310 -45.59 -11.14 9.42
CA GLY A 310 -45.48 -10.28 8.26
C GLY A 310 -44.25 -9.40 8.36
N ALA A 311 -43.63 -9.14 7.20
CA ALA A 311 -42.54 -8.19 7.05
C ALA A 311 -42.80 -7.32 5.83
N ALA A 312 -42.97 -6.03 6.04
CA ALA A 312 -43.45 -5.15 4.99
C ALA A 312 -42.33 -4.70 4.04
N LYS A 313 -42.67 -4.63 2.76
CA LYS A 313 -41.80 -4.07 1.72
C LYS A 313 -42.59 -3.00 0.96
N VAL A 314 -41.96 -1.85 0.71
CA VAL A 314 -42.60 -0.73 0.04
C VAL A 314 -42.17 -0.66 -1.42
N PHE A 315 -43.15 -0.57 -2.31
CA PHE A 315 -42.91 -0.32 -3.74
C PHE A 315 -43.43 1.06 -4.13
N LYS A 316 -42.79 1.67 -5.14
CA LYS A 316 -43.19 2.98 -5.66
C LYS A 316 -44.28 2.84 -6.71
N LEU A 317 -45.32 3.66 -6.59
CA LEU A 317 -46.39 3.76 -7.58
C LEU A 317 -46.24 4.99 -8.47
N LYS A 318 -46.25 6.19 -7.88
CA LYS A 318 -46.35 7.38 -8.71
C LYS A 318 -46.00 8.60 -7.87
N ALA A 319 -45.22 9.51 -8.45
CA ALA A 319 -44.95 10.81 -7.87
C ALA A 319 -45.37 11.88 -8.87
N PHE A 320 -46.37 12.68 -8.52
CA PHE A 320 -47.02 13.54 -9.50
C PHE A 320 -47.75 14.64 -8.77
N SER A 321 -48.34 15.54 -9.54
CA SER A 321 -49.13 16.67 -9.04
C SER A 321 -50.61 16.40 -9.31
N LEU A 322 -51.42 16.43 -8.26
CA LEU A 322 -52.85 16.21 -8.39
C LEU A 322 -53.54 17.57 -8.28
N GLY A 323 -54.26 17.96 -9.32
CA GLY A 323 -54.89 19.26 -9.32
C GLY A 323 -55.97 19.38 -8.27
N ALA A 324 -56.38 20.63 -8.04
CA ALA A 324 -57.45 20.93 -7.08
C ALA A 324 -58.71 20.19 -7.45
N GLY A 325 -59.22 19.38 -6.51
CA GLY A 325 -60.45 18.63 -6.71
C GLY A 325 -60.39 17.60 -7.82
N ALA A 326 -59.18 17.30 -8.30
CA ALA A 326 -59.01 16.41 -9.44
C ALA A 326 -58.92 14.96 -8.98
N GLN A 327 -58.88 14.05 -9.96
CA GLN A 327 -58.75 12.63 -9.70
C GLN A 327 -57.62 12.05 -10.54
N GLN A 328 -57.03 10.98 -10.01
CA GLN A 328 -56.00 10.23 -10.71
C GLN A 328 -56.23 8.76 -10.37
N HIS A 329 -56.68 7.98 -11.35
CA HIS A 329 -56.74 6.55 -11.17
C HIS A 329 -55.34 5.95 -11.23
N ILE A 330 -55.06 5.01 -10.33
CA ILE A 330 -53.75 4.38 -10.23
C ILE A 330 -53.93 2.87 -10.28
N ARG A 331 -53.10 2.21 -11.10
CA ARG A 331 -53.17 0.79 -11.36
C ARG A 331 -51.76 0.22 -11.46
N ARG A 332 -51.54 -0.94 -10.88
CA ARG A 332 -50.23 -1.57 -10.90
C ARG A 332 -50.45 -3.06 -10.90
N GLU A 333 -49.81 -3.75 -11.85
CA GLU A 333 -49.77 -5.20 -11.86
C GLU A 333 -48.45 -5.67 -11.24
N GLN A 334 -48.51 -6.70 -10.40
CA GLN A 334 -47.31 -7.27 -9.81
C GLN A 334 -47.32 -8.78 -9.99
N HIS A 335 -46.20 -9.31 -10.44
CA HIS A 335 -46.01 -10.75 -10.63
C HIS A 335 -45.43 -11.33 -9.34
N ILE A 336 -46.19 -12.22 -8.68
CA ILE A 336 -45.80 -12.81 -7.40
C ILE A 336 -45.16 -14.17 -7.67
N ARG A 337 -43.84 -14.19 -7.68
CA ARG A 337 -43.03 -15.38 -7.99
C ARG A 337 -41.83 -15.41 -7.05
N ASP A 338 -41.38 -16.61 -6.69
CA ASP A 338 -40.15 -16.72 -5.92
C ASP A 338 -38.98 -16.22 -6.76
N THR A 340 -34.55 -14.73 -6.55
CA THR A 340 -33.31 -14.98 -5.84
C THR A 340 -33.35 -14.41 -4.43
N THR A 341 -33.91 -13.21 -4.29
CA THR A 341 -33.86 -12.45 -3.04
C THR A 341 -35.18 -12.41 -2.29
N ARG A 342 -36.19 -13.20 -2.68
CA ARG A 342 -37.40 -13.24 -1.88
C ARG A 342 -38.12 -14.55 -2.12
N LYS A 343 -38.33 -15.30 -1.05
CA LYS A 343 -39.09 -16.54 -1.09
C LYS A 343 -40.45 -16.26 -0.47
N HIS A 344 -41.49 -16.80 -1.08
CA HIS A 344 -42.83 -16.49 -0.62
C HIS A 344 -43.38 -17.61 0.25
N TYR A 345 -44.17 -17.21 1.24
CA TYR A 345 -44.83 -18.13 2.14
C TYR A 345 -46.33 -17.89 2.09
N PRO A 346 -47.13 -18.94 2.26
CA PRO A 346 -48.57 -18.81 2.02
C PRO A 346 -49.28 -18.12 3.17
N GLY A 347 -50.42 -17.51 2.84
CA GLY A 347 -51.22 -16.86 3.85
C GLY A 347 -51.79 -15.54 3.35
N ARG A 348 -52.16 -14.73 4.33
CA ARG A 348 -52.86 -13.48 4.07
C ARG A 348 -51.83 -12.37 3.90
N HIS A 349 -51.83 -11.70 2.75
CA HIS A 349 -50.90 -10.63 2.45
C HIS A 349 -51.63 -9.29 2.42
N VAL A 350 -51.50 -8.53 3.50
CA VAL A 350 -52.12 -7.22 3.56
C VAL A 350 -51.35 -6.25 2.68
N VAL A 351 -52.07 -5.34 2.04
CA VAL A 351 -51.51 -4.35 1.12
C VAL A 351 -52.00 -2.98 1.56
N HIS A 352 -51.07 -2.09 1.89
CA HIS A 352 -51.41 -0.72 2.31
C HIS A 352 -51.03 0.26 1.21
N VAL A 353 -51.88 1.27 1.02
CA VAL A 353 -51.56 2.36 0.11
C VAL A 353 -51.09 3.57 0.92
N LEU A 354 -49.95 4.12 0.53
CA LEU A 354 -49.32 5.23 1.22
C LEU A 354 -49.34 6.45 0.31
N VAL A 355 -49.82 7.58 0.85
CA VAL A 355 -49.74 8.86 0.16
C VAL A 355 -49.02 9.84 1.07
N ASN A 356 -47.88 10.35 0.60
CA ASN A 356 -47.03 11.23 1.40
C ASN A 356 -46.73 10.62 2.76
N GLY A 357 -46.46 9.32 2.77
CA GLY A 357 -46.04 8.65 3.96
C GLY A 357 -47.12 8.38 4.98
N GLU A 358 -48.39 8.51 4.61
CA GLU A 358 -49.48 8.18 5.50
C GLU A 358 -50.27 7.04 4.87
N ARG A 359 -50.61 6.04 5.68
CA ARG A 359 -51.40 4.92 5.19
C ARG A 359 -52.83 5.39 4.95
N LEU A 360 -53.31 5.23 3.71
CA LEU A 360 -54.64 5.72 3.37
C LEU A 360 -55.68 4.63 3.23
N GLY A 361 -55.27 3.39 3.03
CA GLY A 361 -56.23 2.31 2.89
C GLY A 361 -55.50 1.01 2.89
N SER A 362 -56.26 -0.07 3.00
CA SER A 362 -55.68 -1.39 2.99
C SER A 362 -56.60 -2.35 2.25
N ALA A 363 -55.99 -3.26 1.51
CA ALA A 363 -56.67 -4.42 0.97
C ALA A 363 -55.82 -5.64 1.29
N GLU A 364 -56.17 -6.79 0.75
CA GLU A 364 -55.39 -7.97 1.01
C GLU A 364 -55.60 -8.95 -0.12
N PHE A 365 -54.66 -9.86 -0.25
CA PHE A 365 -54.86 -11.03 -1.08
C PHE A 365 -54.32 -12.22 -0.32
N GLU A 366 -54.78 -13.39 -0.72
CA GLU A 366 -54.34 -14.63 -0.12
C GLU A 366 -53.47 -15.37 -1.11
N LEU A 367 -52.30 -15.79 -0.66
CA LEU A 367 -51.41 -16.65 -1.42
C LEU A 367 -51.48 -18.04 -0.79
N ARG A 368 -51.85 -19.03 -1.58
CA ARG A 368 -52.09 -20.35 -1.02
C ARG A 368 -50.94 -21.31 -1.31
N ALA A 369 -50.96 -22.41 -0.56
CA ALA A 369 -50.03 -23.50 -0.77
C ALA A 369 -50.42 -24.28 -2.03
N PRO B 11 30.27 22.15 -6.31
CA PRO B 11 30.45 22.55 -7.71
C PRO B 11 29.36 21.97 -8.60
N ALA B 12 28.56 22.83 -9.22
CA ALA B 12 27.39 22.36 -9.95
C ALA B 12 27.78 21.97 -11.37
N LEU B 13 27.35 20.78 -11.80
CA LEU B 13 27.68 20.25 -13.12
C LEU B 13 27.10 21.12 -14.24
N LYS B 14 25.97 21.78 -14.02
CA LYS B 14 25.49 22.71 -15.04
C LYS B 14 26.50 23.79 -15.38
N GLU B 15 27.45 24.09 -14.49
CA GLU B 15 28.46 25.07 -14.85
C GLU B 15 29.52 24.52 -15.80
N ILE B 16 29.56 23.20 -16.04
CA ILE B 16 30.38 22.68 -17.13
C ILE B 16 30.01 23.39 -18.43
N PHE B 17 28.70 23.49 -18.70
CA PHE B 17 28.17 24.18 -19.87
C PHE B 17 27.87 25.65 -19.53
N ASN B 18 28.90 26.39 -19.12
CA ASN B 18 28.73 27.82 -18.90
C ASN B 18 29.06 28.60 -20.19
N VAL B 19 28.95 29.93 -20.11
CA VAL B 19 29.14 30.76 -21.31
C VAL B 19 30.54 30.57 -21.89
N GLU B 20 31.56 30.47 -21.01
CA GLU B 20 32.93 30.26 -21.49
C GLU B 20 33.04 28.96 -22.27
N ARG B 21 32.35 27.90 -21.83
CA ARG B 21 32.44 26.64 -22.55
C ARG B 21 31.71 26.75 -23.90
N LEU B 22 30.59 27.46 -23.93
CA LEU B 22 29.90 27.71 -25.19
C LEU B 22 30.81 28.41 -26.18
N GLN B 23 31.51 29.45 -25.71
CA GLN B 23 32.49 30.15 -26.54
C GLN B 23 33.64 29.22 -26.94
N HIS B 24 34.06 28.35 -26.04
CA HIS B 24 35.06 27.35 -26.41
C HIS B 24 34.55 26.48 -27.56
N ILE B 25 33.34 25.94 -27.41
CA ILE B 25 32.77 25.11 -28.47
C ILE B 25 32.71 25.89 -29.78
N ALA B 26 32.28 27.14 -29.70
CA ALA B 26 32.17 27.96 -30.91
C ALA B 26 33.54 28.21 -31.53
N SER B 27 34.57 28.44 -30.72
CA SER B 27 35.89 28.68 -31.30
C SER B 27 36.39 27.47 -32.06
N GLU B 28 36.16 26.28 -31.50
CA GLU B 28 36.61 25.06 -32.15
C GLU B 28 35.78 24.75 -33.38
N THR B 30 34.34 27.09 -35.39
CA THR B 30 34.93 28.00 -36.38
C THR B 30 36.21 27.42 -36.95
N ALA B 31 37.09 26.86 -36.10
CA ALA B 31 38.35 26.31 -36.61
C ALA B 31 38.11 25.17 -37.59
N VAL B 32 37.09 24.35 -37.35
CA VAL B 32 36.84 23.23 -38.23
C VAL B 32 36.01 23.63 -39.44
N TYR B 33 35.33 24.77 -39.38
CA TYR B 33 34.33 25.16 -40.39
C TYR B 33 34.26 26.67 -40.43
N PRO B 34 35.17 27.31 -41.14
CA PRO B 34 35.35 28.77 -40.98
C PRO B 34 34.09 29.60 -41.24
N ALA B 35 33.14 29.11 -42.03
CA ALA B 35 31.91 29.85 -42.26
C ALA B 35 30.87 29.63 -41.18
N PHE B 36 31.26 28.94 -40.09
CA PHE B 36 30.32 28.64 -39.02
C PHE B 36 29.75 29.93 -38.43
N ASP B 37 28.43 29.98 -38.34
CA ASP B 37 27.72 31.10 -37.70
C ASP B 37 27.87 31.01 -36.19
N ALA B 38 29.03 31.45 -35.69
CA ALA B 38 29.29 31.38 -34.25
C ALA B 38 28.36 32.31 -33.49
N LYS B 39 28.21 33.54 -33.97
CA LYS B 39 27.37 34.53 -33.32
C LYS B 39 25.94 34.04 -33.19
N GLY B 40 25.41 33.41 -34.22
CA GLY B 40 24.07 32.86 -34.12
C GLY B 40 24.00 31.68 -33.18
N PHE B 41 25.05 30.84 -33.17
CA PHE B 41 25.10 29.71 -32.26
C PHE B 41 25.01 30.17 -30.81
N LEU B 42 25.81 31.17 -30.44
CA LEU B 42 25.82 31.62 -29.05
C LEU B 42 24.50 32.22 -28.66
N LYS B 43 23.89 33.00 -29.56
CA LYS B 43 22.60 33.62 -29.26
C LYS B 43 21.53 32.56 -29.01
N HIS B 44 21.45 31.56 -29.88
CA HIS B 44 20.51 30.46 -29.70
C HIS B 44 20.86 29.66 -28.44
N ALA B 45 22.15 29.38 -28.22
CA ALA B 45 22.52 28.55 -27.09
C ALA B 45 22.25 29.26 -25.77
N LYS B 46 22.53 30.57 -25.69
CA LYS B 46 22.49 31.30 -24.43
C LYS B 46 21.08 31.67 -23.95
N ALA B 47 20.06 31.51 -24.79
CA ALA B 47 18.69 31.92 -24.43
C ALA B 47 18.17 31.17 -23.20
N GLY B 48 18.06 31.87 -22.08
CA GLY B 48 17.61 31.25 -20.85
C GLY B 48 18.63 30.38 -20.16
N LEU B 49 19.92 30.53 -20.54
CA LEU B 49 20.96 29.59 -20.12
C LEU B 49 20.94 29.34 -18.62
N ALA B 50 20.83 30.40 -17.83
CA ALA B 50 20.95 30.27 -16.37
C ALA B 50 19.92 29.30 -15.78
N GLU B 51 18.72 29.24 -16.38
CA GLU B 51 17.65 28.40 -15.84
C GLU B 51 17.73 26.95 -16.29
N LEU B 52 18.64 26.60 -17.20
CA LEU B 52 18.72 25.25 -17.72
C LEU B 52 19.58 24.35 -16.83
N SER B 53 19.11 23.13 -16.59
CA SER B 53 19.90 22.10 -15.93
C SER B 53 21.01 21.59 -16.86
N VAL B 54 21.87 20.72 -16.30
CA VAL B 54 23.06 20.32 -17.05
C VAL B 54 22.69 19.55 -18.31
N GLN B 56 19.79 19.71 -19.86
CA GLN B 56 19.13 20.65 -20.76
C GLN B 56 20.14 21.47 -21.55
N ARG B 57 21.23 21.90 -20.91
CA ARG B 57 22.27 22.64 -21.60
C ARG B 57 22.96 21.77 -22.66
N ALA B 59 21.64 19.14 -24.32
CA ALA B 59 20.70 19.08 -25.44
C ALA B 59 20.67 20.40 -26.21
N ARG B 60 20.74 21.53 -25.51
CA ARG B 60 20.65 22.82 -26.19
C ARG B 60 21.84 23.05 -27.13
N VAL B 61 23.03 22.60 -26.72
CA VAL B 61 24.22 22.78 -27.56
C VAL B 61 24.02 22.09 -28.91
N SER B 62 23.41 20.91 -28.89
CA SER B 62 23.14 20.17 -30.12
C SER B 62 22.05 20.86 -30.95
N GLU B 63 21.00 21.35 -30.30
CA GLU B 63 19.93 22.06 -30.99
C GLU B 63 20.44 23.35 -31.64
N SER B 64 21.37 24.03 -30.98
CA SER B 64 21.86 25.30 -31.52
C SER B 64 22.76 25.07 -32.73
N LEU B 65 23.67 24.09 -32.65
CA LEU B 65 24.45 23.71 -33.83
C LEU B 65 23.54 23.37 -35.00
N HIS B 66 22.48 22.60 -34.75
CA HIS B 66 21.57 22.26 -35.83
C HIS B 66 20.85 23.49 -36.36
N ALA B 67 20.57 24.47 -35.50
CA ALA B 67 19.76 25.62 -35.94
C ALA B 67 20.53 26.52 -36.89
N VAL B 68 21.85 26.59 -36.79
CA VAL B 68 22.62 27.61 -37.50
C VAL B 68 23.61 27.04 -38.51
N ILE B 69 23.81 25.73 -38.55
CA ILE B 69 24.65 25.10 -39.57
C ILE B 69 23.78 24.77 -40.77
N PRO B 70 23.98 25.40 -41.93
CA PRO B 70 23.14 25.16 -43.11
C PRO B 70 23.60 23.99 -43.97
N LEU B 71 23.81 22.84 -43.34
CA LEU B 71 24.30 21.65 -44.01
C LEU B 71 23.44 20.45 -43.65
N ASP B 72 23.44 19.45 -44.53
CA ASP B 72 22.65 18.27 -44.26
C ASP B 72 23.37 17.37 -43.24
N TYR B 73 22.73 16.24 -42.95
CA TYR B 73 23.19 15.40 -41.85
C TYR B 73 24.56 14.76 -42.12
N PRO B 74 24.84 14.18 -43.28
CA PRO B 74 26.19 13.58 -43.46
C PRO B 74 27.31 14.61 -43.44
N GLN B 75 27.11 15.80 -43.98
CA GLN B 75 28.22 16.73 -43.97
C GLN B 75 28.32 17.52 -42.68
N THR B 76 27.25 17.56 -41.87
CA THR B 76 27.44 18.00 -40.48
C THR B 76 28.25 16.98 -39.70
N LEU B 77 27.95 15.69 -39.87
CA LEU B 77 28.74 14.66 -39.18
C LEU B 77 30.23 14.84 -39.48
N THR B 78 30.55 15.15 -40.74
CA THR B 78 31.93 15.42 -41.10
C THR B 78 32.54 16.52 -40.24
N LEU B 79 31.81 17.61 -40.03
CA LEU B 79 32.34 18.66 -39.15
C LEU B 79 32.42 18.17 -37.70
N LEU B 80 31.38 17.47 -37.22
CA LEU B 80 31.38 17.00 -35.83
C LEU B 80 32.50 16.00 -35.58
N TYR B 81 32.71 15.07 -36.52
CA TYR B 81 33.82 14.13 -36.41
C TYR B 81 35.13 14.88 -36.20
N ALA B 82 35.32 15.96 -36.95
CA ALA B 82 36.54 16.72 -36.80
C ALA B 82 36.57 17.56 -35.53
N LEU B 83 35.39 17.94 -34.99
CA LEU B 83 35.30 18.73 -33.77
C LEU B 83 35.55 17.90 -32.50
N ALA B 84 35.14 16.61 -32.48
CA ALA B 84 35.29 15.73 -31.32
C ALA B 84 36.67 15.82 -30.69
N PRO B 85 37.77 15.58 -31.43
CA PRO B 85 39.09 15.62 -30.78
C PRO B 85 39.52 16.99 -30.34
N ARG B 86 38.83 18.06 -30.72
CA ARG B 86 39.23 19.39 -30.28
C ARG B 86 38.59 19.82 -28.96
N LEU B 87 37.52 19.15 -28.53
CA LEU B 87 36.80 19.61 -27.34
C LEU B 87 37.61 19.36 -26.07
N ASN B 88 37.52 20.28 -25.11
CA ASN B 88 38.36 20.23 -23.91
C ASN B 88 37.74 19.41 -22.77
N SER B 89 36.75 18.57 -23.04
CA SER B 89 36.02 17.87 -21.98
C SER B 89 35.26 16.70 -22.58
N GLY B 90 35.53 15.49 -22.10
CA GLY B 90 34.75 14.35 -22.52
C GLY B 90 33.30 14.43 -22.08
N PHE B 91 33.03 15.09 -20.95
CA PHE B 91 31.65 15.21 -20.49
C PHE B 91 30.85 16.14 -21.41
N VAL B 92 31.41 17.30 -21.73
CA VAL B 92 30.80 18.20 -22.70
C VAL B 92 30.51 17.47 -24.01
N SER B 93 31.34 16.49 -24.36
CA SER B 93 31.18 15.76 -25.61
C SER B 93 29.88 14.97 -25.69
N LEU B 94 29.09 14.92 -24.61
CA LEU B 94 27.82 14.19 -24.67
C LEU B 94 26.88 14.76 -25.73
N PHE B 95 27.01 16.04 -26.09
CA PHE B 95 26.10 16.59 -27.09
C PHE B 95 26.34 16.00 -28.49
N LEU B 96 27.50 15.37 -28.73
CA LEU B 96 27.73 14.76 -30.03
C LEU B 96 26.88 13.50 -30.24
N PRO B 97 26.89 12.50 -29.35
CA PRO B 97 25.90 11.43 -29.51
C PRO B 97 24.48 11.93 -29.45
N HIS B 98 24.22 12.98 -28.65
CA HIS B 98 22.88 13.53 -28.58
C HIS B 98 22.43 14.02 -29.95
N TYR B 99 23.31 14.73 -30.65
CA TYR B 99 23.03 15.18 -32.01
C TYR B 99 22.62 14.02 -32.91
N VAL B 100 23.27 12.87 -32.74
CA VAL B 100 22.98 11.70 -33.57
C VAL B 100 21.61 11.12 -33.23
N ALA B 101 21.25 11.06 -31.95
CA ALA B 101 19.90 10.58 -31.60
C ALA B 101 18.84 11.57 -32.06
N SER B 102 19.14 12.87 -32.04
CA SER B 102 18.16 13.86 -32.48
C SER B 102 17.94 13.81 -33.98
N TYR B 103 19.02 13.81 -34.77
CA TYR B 103 18.87 14.11 -36.19
C TYR B 103 19.35 12.97 -37.09
N GLY B 104 19.64 11.80 -36.52
CA GLY B 104 20.04 10.66 -37.32
C GLY B 104 19.07 9.51 -37.41
N ARG B 105 17.82 9.68 -36.99
CA ARG B 105 16.86 8.59 -36.95
C ARG B 105 16.27 8.21 -38.31
N ASP B 106 16.70 8.85 -39.40
CA ASP B 106 16.31 8.49 -40.76
C ASP B 106 17.47 7.88 -41.55
N ASP B 107 18.60 7.65 -40.90
CA ASP B 107 19.79 7.08 -41.50
C ASP B 107 20.43 6.22 -40.40
N PHE B 108 19.78 5.08 -40.12
CA PHE B 108 20.22 4.22 -39.03
C PHE B 108 21.69 3.82 -39.16
N LYS B 109 22.08 3.34 -40.35
CA LYS B 109 23.42 2.81 -40.55
C LYS B 109 24.48 3.88 -40.32
N ARG B 110 24.28 5.07 -40.89
CA ARG B 110 25.26 6.13 -40.70
C ARG B 110 25.31 6.60 -39.26
N SER B 111 24.17 6.58 -38.56
CA SER B 111 24.13 6.98 -37.16
C SER B 111 24.87 5.99 -36.28
N ALA B 113 27.40 4.10 -37.12
CA ALA B 113 28.83 4.36 -37.28
C ALA B 113 29.24 5.62 -36.56
N ALA B 114 28.35 6.62 -36.49
CA ALA B 114 28.64 7.85 -35.76
C ALA B 114 28.67 7.60 -34.25
N LEU B 115 27.72 6.83 -33.71
CA LEU B 115 27.76 6.54 -32.28
C LEU B 115 29.01 5.77 -31.92
N LYS B 116 29.36 4.78 -32.75
CA LYS B 116 30.57 4.00 -32.51
C LYS B 116 31.79 4.90 -32.46
N TYR B 117 31.85 5.89 -33.36
CA TYR B 117 32.96 6.83 -33.38
C TYR B 117 32.91 7.79 -32.19
N PHE B 118 31.73 8.29 -31.84
CA PHE B 118 31.66 9.36 -30.84
C PHE B 118 31.84 8.84 -29.42
N THR B 119 31.47 7.59 -29.17
CA THR B 119 31.38 7.09 -27.80
C THR B 119 32.75 7.10 -27.10
N THR B 120 33.84 6.99 -27.86
CA THR B 120 35.18 7.08 -27.28
C THR B 120 35.48 8.47 -26.75
N PHE B 121 34.89 9.49 -27.34
CA PHE B 121 35.08 10.87 -26.90
C PHE B 121 34.17 11.24 -25.73
N GLY B 122 32.91 10.86 -25.79
CA GLY B 122 32.03 11.16 -24.69
C GLY B 122 31.48 9.88 -24.09
N SER B 123 30.23 9.60 -24.40
CA SER B 123 29.64 8.30 -24.21
C SER B 123 28.31 8.29 -24.93
N ALA B 124 28.08 7.27 -25.73
CA ALA B 124 26.85 7.15 -26.48
C ALA B 124 25.75 6.49 -25.66
N GLU B 125 25.97 6.32 -24.35
CA GLU B 125 25.07 5.53 -23.52
C GLU B 125 23.65 6.12 -23.47
N PHE B 126 23.51 7.44 -23.59
CA PHE B 126 22.18 8.04 -23.58
C PHE B 126 21.54 7.96 -24.96
N ALA B 127 22.29 8.33 -25.99
CA ALA B 127 21.77 8.34 -27.35
C ALA B 127 21.30 6.97 -27.79
N ILE B 128 22.09 5.93 -27.52
CA ILE B 128 21.76 4.60 -28.02
C ILE B 128 20.40 4.13 -27.49
N ARG B 129 19.95 4.69 -26.37
CA ARG B 129 18.72 4.20 -25.76
C ARG B 129 17.48 4.59 -26.53
N HIS B 130 17.51 5.67 -27.33
CA HIS B 130 16.37 5.93 -28.20
C HIS B 130 16.21 4.79 -29.20
N PHE B 131 17.31 4.40 -29.83
CA PHE B 131 17.27 3.35 -30.83
C PHE B 131 16.88 2.01 -30.21
N LEU B 132 17.36 1.73 -29.00
CA LEU B 132 16.89 0.53 -28.31
C LEU B 132 15.41 0.63 -27.99
N LEU B 133 14.94 1.84 -27.68
CA LEU B 133 13.53 2.00 -27.33
C LEU B 133 12.63 1.80 -28.55
N HIS B 134 13.02 2.36 -29.68
CA HIS B 134 12.13 2.43 -30.82
C HIS B 134 12.53 1.55 -31.99
N ASP B 135 13.68 0.88 -31.95
CA ASP B 135 14.07 -0.07 -32.98
C ASP B 135 14.91 -1.18 -32.34
N PHE B 136 14.29 -1.89 -31.41
CA PHE B 136 15.04 -2.71 -30.45
C PHE B 136 15.83 -3.82 -31.13
N GLN B 137 15.13 -4.69 -31.90
CA GLN B 137 15.80 -5.86 -32.49
C GLN B 137 17.01 -5.47 -33.32
N ARG B 138 16.89 -4.41 -34.11
CA ARG B 138 17.99 -4.06 -34.98
C ARG B 138 19.15 -3.48 -34.19
N THR B 139 18.83 -2.71 -33.14
CA THR B 139 19.86 -2.10 -32.30
C THR B 139 20.51 -3.14 -31.38
N LEU B 140 19.75 -4.10 -30.87
CA LEU B 140 20.35 -5.16 -30.08
C LEU B 140 21.45 -5.83 -30.88
N ALA B 141 21.20 -6.08 -32.17
CA ALA B 141 22.20 -6.68 -33.03
C ALA B 141 23.44 -5.81 -33.13
N VAL B 142 23.26 -4.48 -33.20
CA VAL B 142 24.40 -3.58 -33.18
C VAL B 142 25.20 -3.77 -31.90
N GLN B 144 25.44 -6.38 -29.95
CA GLN B 144 26.17 -7.63 -30.00
C GLN B 144 27.47 -7.48 -30.78
N ALA B 145 27.41 -6.87 -31.95
CA ALA B 145 28.64 -6.66 -32.72
C ALA B 145 29.62 -5.78 -31.95
N TRP B 146 29.12 -4.68 -31.37
CA TRP B 146 29.98 -3.80 -30.59
C TRP B 146 30.66 -4.53 -29.43
N SER B 147 30.00 -5.55 -28.84
CA SER B 147 30.66 -6.28 -27.76
C SER B 147 31.92 -7.00 -28.21
N GLN B 148 32.14 -7.17 -29.51
CA GLN B 148 33.34 -7.82 -30.04
C GLN B 148 34.39 -6.83 -30.52
N ASP B 149 34.11 -5.54 -30.45
CA ASP B 149 35.00 -4.53 -31.00
C ASP B 149 36.33 -4.49 -30.26
N ASP B 150 37.39 -4.08 -30.97
CA ASP B 150 38.71 -3.94 -30.37
C ASP B 150 38.75 -2.84 -29.33
N ASN B 151 38.01 -1.76 -29.54
CA ASN B 151 38.05 -0.64 -28.62
C ASN B 151 37.24 -0.95 -27.36
N GLU B 152 37.87 -0.83 -26.19
CA GLU B 152 37.14 -1.09 -24.96
C GLU B 152 35.98 -0.10 -24.76
N HIS B 153 36.10 1.11 -25.30
CA HIS B 153 34.99 2.06 -25.13
C HIS B 153 33.75 1.57 -25.87
N VAL B 154 33.94 0.96 -27.05
CA VAL B 154 32.80 0.48 -27.82
C VAL B 154 32.20 -0.77 -27.19
N ARG B 155 33.05 -1.60 -26.57
CA ARG B 155 32.56 -2.73 -25.78
C ARG B 155 31.79 -2.25 -24.55
N ARG B 156 32.34 -1.26 -23.84
CA ARG B 156 31.65 -0.76 -22.67
C ARG B 156 30.28 -0.19 -23.04
N LEU B 157 30.20 0.48 -24.19
CA LEU B 157 28.91 0.97 -24.69
C LEU B 157 27.88 -0.15 -24.82
N ALA B 158 28.32 -1.33 -25.30
CA ALA B 158 27.42 -2.45 -25.50
C ALA B 158 26.78 -2.89 -24.19
N SER B 159 27.56 -2.88 -23.10
CA SER B 159 27.05 -3.23 -21.79
C SER B 159 26.30 -2.07 -21.13
N GLU B 160 26.88 -0.86 -21.14
CA GLU B 160 26.27 0.22 -20.37
C GLU B 160 24.97 0.71 -20.99
N GLY B 161 24.93 0.87 -22.31
CA GLY B 161 23.76 1.45 -22.94
C GLY B 161 22.53 0.57 -22.91
N SER B 162 22.72 -0.73 -22.75
CA SER B 162 21.60 -1.66 -22.66
C SER B 162 21.07 -1.81 -21.24
N ARG B 163 21.64 -1.08 -20.27
CA ARG B 163 21.25 -1.28 -18.89
C ARG B 163 19.76 -1.04 -18.73
N PRO B 164 19.08 -1.89 -17.97
CA PRO B 164 17.67 -1.60 -17.66
C PRO B 164 17.47 -0.30 -16.92
N ARG B 165 18.37 0.06 -15.99
CA ARG B 165 18.17 1.23 -15.12
C ARG B 165 19.38 2.16 -15.14
N LEU B 166 19.71 2.65 -16.32
CA LEU B 166 20.80 3.60 -16.43
C LEU B 166 20.40 4.93 -15.78
N PRO B 167 21.18 5.44 -14.85
CA PRO B 167 20.89 6.75 -14.27
C PRO B 167 20.93 7.82 -15.35
N TRP B 168 20.05 8.81 -15.20
CA TRP B 168 19.88 9.99 -16.07
C TRP B 168 19.22 9.65 -17.39
N SER B 169 18.76 8.42 -17.58
CA SER B 169 17.99 8.06 -18.76
C SER B 169 16.72 7.34 -18.33
N PHE B 170 15.77 7.25 -19.24
CA PHE B 170 14.58 6.47 -18.98
C PHE B 170 14.94 4.99 -18.89
N ARG B 171 14.14 4.21 -18.18
CA ARG B 171 14.40 2.78 -18.14
C ARG B 171 14.04 2.13 -19.48
N LEU B 172 14.68 1.00 -19.76
CA LEU B 172 14.36 0.20 -20.93
C LEU B 172 13.44 -0.93 -20.47
N ALA B 173 12.13 -0.72 -20.58
CA ALA B 173 11.17 -1.68 -20.02
C ALA B 173 11.30 -3.05 -20.67
N GLU B 174 11.64 -3.08 -21.96
CA GLU B 174 11.79 -4.35 -22.67
C GLU B 174 13.02 -5.12 -22.17
N VAL B 175 14.13 -4.42 -21.91
CA VAL B 175 15.29 -5.09 -21.34
C VAL B 175 14.99 -5.51 -19.91
N GLN B 176 14.29 -4.64 -19.19
CA GLN B 176 14.04 -4.79 -17.76
C GLN B 176 13.18 -6.00 -17.44
N ALA B 177 12.26 -6.34 -18.34
CA ALA B 177 11.36 -7.46 -18.11
C ALA B 177 11.90 -8.78 -18.66
N ASP B 178 13.01 -8.77 -19.38
CA ASP B 178 13.59 -10.00 -19.94
C ASP B 178 15.09 -9.94 -19.85
N PRO B 179 15.69 -10.55 -18.81
CA PRO B 179 17.16 -10.55 -18.71
C PRO B 179 17.82 -11.40 -19.77
N GLU B 180 17.06 -12.30 -20.41
CA GLU B 180 17.66 -13.18 -21.41
C GLU B 180 18.12 -12.41 -22.64
N LEU B 181 17.49 -11.26 -22.96
CA LEU B 181 17.80 -10.56 -24.19
C LEU B 181 19.27 -10.17 -24.26
N CYS B 182 19.81 -9.60 -23.17
CA CYS B 182 21.20 -9.18 -23.11
C CYS B 182 22.13 -10.19 -22.46
N ALA B 183 21.64 -11.35 -22.05
CA ALA B 183 22.47 -12.28 -21.28
C ALA B 183 23.79 -12.56 -21.98
N SER B 184 23.75 -12.82 -23.29
CA SER B 184 24.94 -13.28 -23.99
C SER B 184 26.01 -12.18 -24.08
N ILE B 185 25.60 -10.93 -24.30
CA ILE B 185 26.53 -9.80 -24.21
C ILE B 185 27.25 -9.80 -22.85
N LEU B 186 26.48 -9.85 -21.76
CA LEU B 186 27.07 -9.83 -20.44
C LEU B 186 27.94 -11.07 -20.22
N ASP B 187 27.49 -12.23 -20.71
CA ASP B 187 28.29 -13.44 -20.53
C ASP B 187 29.66 -13.29 -21.20
N HIS B 188 29.69 -12.75 -22.42
CA HIS B 188 30.97 -12.59 -23.09
C HIS B 188 31.84 -11.55 -22.40
N LEU B 189 31.24 -10.42 -22.02
CA LEU B 189 32.01 -9.27 -21.52
C LEU B 189 32.49 -9.45 -20.08
N LYS B 190 31.93 -10.37 -19.31
CA LYS B 190 32.43 -10.57 -17.96
C LYS B 190 33.87 -11.09 -17.93
N ALA B 191 34.40 -11.57 -19.06
CA ALA B 191 35.79 -11.97 -19.15
C ALA B 191 36.65 -10.88 -19.77
N ASP B 192 36.16 -9.65 -19.83
CA ASP B 192 36.86 -8.61 -20.57
C ASP B 192 38.13 -8.22 -19.83
N SER B 193 39.20 -7.97 -20.59
CA SER B 193 40.46 -7.53 -19.99
C SER B 193 40.37 -6.10 -19.47
N SER B 194 39.39 -5.32 -19.93
CA SER B 194 39.23 -3.93 -19.53
C SER B 194 38.43 -3.83 -18.24
N LEU B 195 39.00 -3.16 -17.24
CA LEU B 195 38.25 -2.87 -16.02
C LEU B 195 37.04 -1.99 -16.32
N TYR B 196 37.16 -1.12 -17.31
CA TYR B 196 36.07 -0.22 -17.67
C TYR B 196 34.84 -1.01 -18.10
N VAL B 197 35.06 -2.01 -18.96
CA VAL B 197 33.99 -2.89 -19.39
C VAL B 197 33.46 -3.72 -18.21
N ARG B 198 34.37 -4.22 -17.36
CA ARG B 198 33.95 -5.09 -16.26
C ARG B 198 33.06 -4.35 -15.26
N LYS B 199 33.42 -3.10 -14.93
CA LYS B 199 32.56 -2.31 -14.07
C LYS B 199 31.15 -2.18 -14.65
N SER B 200 31.07 -1.95 -15.96
CA SER B 200 29.78 -1.84 -16.63
C SER B 200 28.97 -3.13 -16.50
N VAL B 201 29.62 -4.29 -16.66
CA VAL B 201 28.89 -5.55 -16.56
C VAL B 201 28.32 -5.74 -15.15
N ALA B 202 29.11 -5.42 -14.12
CA ALA B 202 28.62 -5.56 -12.75
C ALA B 202 27.45 -4.62 -12.49
N ASN B 203 27.56 -3.39 -12.95
CA ASN B 203 26.50 -2.40 -12.73
C ASN B 203 25.24 -2.73 -13.50
N HIS B 204 25.37 -3.31 -14.69
CA HIS B 204 24.18 -3.80 -15.40
C HIS B 204 23.53 -4.93 -14.62
N LEU B 205 24.33 -5.87 -14.08
CA LEU B 205 23.77 -6.98 -13.31
C LEU B 205 23.09 -6.49 -12.05
N ASN B 206 23.75 -5.58 -11.32
CA ASN B 206 23.08 -4.99 -10.16
C ASN B 206 21.72 -4.40 -10.54
N ASP B 207 21.62 -3.74 -11.71
CA ASP B 207 20.31 -3.27 -12.17
C ASP B 207 19.31 -4.42 -12.25
N ILE B 208 19.71 -5.53 -12.89
CA ILE B 208 18.80 -6.67 -13.00
C ILE B 208 18.36 -7.20 -11.63
N THR B 209 19.24 -7.14 -10.61
CA THR B 209 18.83 -7.67 -9.31
C THR B 209 17.61 -6.95 -8.75
N LYS B 210 17.34 -5.71 -9.20
CA LYS B 210 16.18 -4.98 -8.70
C LYS B 210 14.86 -5.54 -9.21
N ASP B 211 14.86 -6.34 -10.28
CA ASP B 211 13.61 -6.88 -10.82
C ASP B 211 13.63 -8.40 -10.96
N HIS B 212 14.80 -9.01 -11.11
CA HIS B 212 14.93 -10.46 -11.24
C HIS B 212 16.10 -10.95 -10.42
N PRO B 213 16.05 -10.79 -9.09
CA PRO B 213 17.24 -11.14 -8.29
C PRO B 213 17.61 -12.60 -8.40
N GLU B 214 16.62 -13.49 -8.47
CA GLU B 214 16.96 -14.91 -8.48
C GLU B 214 17.60 -15.31 -9.80
N TRP B 215 17.20 -14.66 -10.89
CA TRP B 215 17.84 -14.92 -12.16
C TRP B 215 19.31 -14.58 -12.10
N VAL B 216 19.66 -13.51 -11.39
CA VAL B 216 21.06 -13.12 -11.25
C VAL B 216 21.79 -14.09 -10.33
N LEU B 217 21.14 -14.45 -9.21
CA LEU B 217 21.77 -15.38 -8.28
C LEU B 217 22.06 -16.70 -8.96
N SER B 218 21.12 -17.19 -9.76
CA SER B 218 21.35 -18.42 -10.50
C SER B 218 22.49 -18.26 -11.50
N LEU B 219 22.54 -17.12 -12.21
CA LEU B 219 23.60 -16.89 -13.16
C LEU B 219 24.97 -16.94 -12.49
N ILE B 220 25.13 -16.21 -11.38
CA ILE B 220 26.43 -16.14 -10.73
C ILE B 220 26.77 -17.46 -10.03
N GLU B 221 25.75 -18.22 -9.61
CA GLU B 221 26.02 -19.50 -8.97
C GLU B 221 26.67 -20.49 -9.93
N GLY B 222 26.64 -20.21 -11.24
CA GLY B 222 27.29 -21.01 -12.26
C GLY B 222 28.63 -20.47 -12.68
N TRP B 223 29.05 -19.32 -12.16
CA TRP B 223 30.34 -18.74 -12.48
C TRP B 223 31.46 -19.42 -11.70
N ASN B 224 32.67 -19.28 -12.22
CA ASN B 224 33.88 -19.71 -11.52
C ASN B 224 34.49 -18.51 -10.80
N LEU B 225 34.30 -18.44 -9.49
CA LEU B 225 34.74 -17.29 -8.71
C LEU B 225 36.22 -17.36 -8.30
N GLU B 226 36.97 -18.33 -8.79
CA GLU B 226 38.41 -18.31 -8.55
C GLU B 226 39.13 -17.35 -9.49
N ASN B 227 38.51 -17.02 -10.62
CA ASN B 227 38.99 -15.93 -11.44
C ASN B 227 38.73 -14.61 -10.71
N PRO B 228 39.75 -13.85 -10.32
CA PRO B 228 39.50 -12.68 -9.46
C PRO B 228 38.80 -11.54 -10.19
N HIS B 229 38.88 -11.46 -11.52
CA HIS B 229 38.05 -10.52 -12.25
C HIS B 229 36.57 -10.91 -12.16
N THR B 230 36.27 -12.19 -12.35
CA THR B 230 34.90 -12.65 -12.22
C THR B 230 34.40 -12.46 -10.80
N ALA B 231 35.24 -12.81 -9.82
CA ALA B 231 34.88 -12.60 -8.43
C ALA B 231 34.54 -11.13 -8.19
N TRP B 232 35.33 -10.22 -8.75
CA TRP B 232 35.06 -8.81 -8.52
C TRP B 232 33.70 -8.42 -9.06
N ILE B 233 33.37 -8.88 -10.27
CA ILE B 233 32.05 -8.59 -10.84
C ILE B 233 30.96 -9.19 -9.97
N ALA B 234 31.12 -10.46 -9.55
CA ALA B 234 30.11 -11.09 -8.69
C ALA B 234 29.84 -10.24 -7.46
N ARG B 235 30.90 -9.86 -6.76
CA ARG B 235 30.78 -9.08 -5.54
C ARG B 235 30.11 -7.72 -5.81
N HIS B 236 30.58 -7.00 -6.83
CA HIS B 236 29.99 -5.69 -7.09
C HIS B 236 28.55 -5.82 -7.58
N ALA B 237 28.24 -6.86 -8.35
CA ALA B 237 26.89 -7.00 -8.87
C ALA B 237 25.90 -7.38 -7.77
N LEU B 238 26.35 -8.05 -6.72
CA LEU B 238 25.48 -8.53 -5.66
C LEU B 238 25.39 -7.58 -4.47
N ARG B 239 25.97 -6.37 -4.59
CA ARG B 239 26.17 -5.51 -3.44
C ARG B 239 24.87 -5.16 -2.73
N SER B 240 23.78 -4.97 -3.48
CA SER B 240 22.50 -4.65 -2.83
C SER B 240 21.90 -5.87 -2.15
N LEU B 241 21.89 -7.01 -2.83
CA LEU B 241 21.37 -8.23 -2.23
C LEU B 241 22.12 -8.58 -0.95
N ILE B 242 23.43 -8.35 -0.93
CA ILE B 242 24.20 -8.64 0.27
C ILE B 242 23.76 -7.74 1.41
N LYS B 243 23.56 -6.45 1.14
CA LYS B 243 23.10 -5.54 2.19
C LYS B 243 21.70 -5.91 2.69
N GLN B 244 20.90 -6.55 1.84
CA GLN B 244 19.55 -6.98 2.18
C GLN B 244 19.50 -8.27 2.98
N GLY B 245 20.65 -8.88 3.29
CA GLY B 245 20.67 -10.18 3.95
C GLY B 245 20.24 -11.35 3.09
N ASN B 246 20.35 -11.25 1.77
CA ASN B 246 19.97 -12.38 0.91
C ASN B 246 20.89 -13.57 1.15
N THR B 247 20.29 -14.71 1.48
CA THR B 247 21.07 -15.89 1.87
C THR B 247 21.90 -16.40 0.70
N ARG B 248 21.31 -16.51 -0.49
CA ARG B 248 22.06 -17.03 -1.62
C ARG B 248 23.25 -16.13 -1.92
N ALA B 249 23.05 -14.81 -1.80
CA ALA B 249 24.12 -13.86 -2.11
C ALA B 249 25.22 -13.92 -1.06
N LEU B 250 24.85 -13.95 0.22
CA LEU B 250 25.86 -14.10 1.27
C LEU B 250 26.61 -15.41 1.12
N THR B 251 25.89 -16.48 0.74
CA THR B 251 26.54 -17.76 0.51
C THR B 251 27.59 -17.65 -0.58
N LEU B 252 27.26 -16.97 -1.68
CA LEU B 252 28.23 -16.78 -2.75
C LEU B 252 29.48 -16.06 -2.24
N GLY B 254 30.66 -16.57 0.67
CA GLY B 254 31.18 -17.43 1.72
C GLY B 254 30.73 -17.07 3.13
N ALA B 255 29.70 -16.24 3.28
CA ALA B 255 29.20 -15.85 4.58
C ALA B 255 27.72 -16.17 4.72
N GLY B 256 27.26 -17.28 4.14
CA GLY B 256 25.86 -17.64 4.23
C GLY B 256 25.43 -18.27 5.55
N ALA B 257 26.33 -18.99 6.22
CA ALA B 257 25.96 -19.75 7.42
C ALA B 257 25.57 -18.84 8.57
N LYS B 258 24.59 -19.29 9.37
CA LYS B 258 24.21 -18.58 10.57
C LYS B 258 25.45 -18.30 11.41
N ALA B 259 25.56 -17.08 11.91
CA ALA B 259 26.76 -16.71 12.63
C ALA B 259 26.68 -17.27 14.04
N GLU B 260 27.69 -18.04 14.44
CA GLU B 260 27.82 -18.54 15.81
C GLU B 260 28.68 -17.56 16.61
N VAL B 261 28.03 -16.50 17.08
CA VAL B 261 28.71 -15.42 17.79
C VAL B 261 27.83 -14.89 18.92
N LYS B 262 28.48 -14.31 19.91
CA LYS B 262 27.84 -13.46 20.89
C LYS B 262 28.31 -12.03 20.64
N ILE B 263 27.49 -11.08 21.03
CA ILE B 263 27.80 -9.66 20.87
C ILE B 263 27.82 -9.01 22.25
N HIS B 264 28.93 -8.36 22.59
CA HIS B 264 29.12 -7.73 23.89
C HIS B 264 29.34 -6.24 23.73
N HIS B 265 28.90 -5.47 24.74
CA HIS B 265 29.21 -4.04 24.88
C HIS B 265 28.66 -3.22 23.72
N LEU B 266 27.55 -3.66 23.13
CA LEU B 266 26.98 -2.92 22.02
C LEU B 266 26.55 -1.53 22.50
N VAL B 268 26.08 2.91 21.23
CA VAL B 268 26.16 4.06 20.34
C VAL B 268 26.38 5.28 21.22
N THR B 269 27.48 5.99 21.00
CA THR B 269 27.75 7.17 21.80
C THR B 269 28.04 8.36 20.91
N PRO B 270 27.66 9.58 21.35
CA PRO B 270 26.82 9.94 22.49
C PRO B 270 25.37 9.47 22.34
N ALA B 271 24.59 9.40 23.43
CA ALA B 271 23.20 8.95 23.35
C ALA B 271 22.29 9.96 22.63
N VAL B 272 22.64 11.23 22.68
CA VAL B 272 21.88 12.30 22.04
C VAL B 272 22.86 13.18 21.29
N ILE B 273 22.52 13.56 20.05
CA ILE B 273 23.34 14.46 19.27
C ILE B 273 22.46 15.48 18.55
N ASN B 274 23.11 16.55 18.08
CA ASN B 274 22.47 17.46 17.16
C ASN B 274 22.87 17.15 15.73
N LEU B 275 22.00 17.54 14.81
CA LEU B 275 22.28 17.43 13.39
C LEU B 275 23.62 18.06 13.09
N GLY B 276 24.44 17.36 12.33
CA GLY B 276 25.78 17.80 12.04
C GLY B 276 26.88 17.18 12.90
N GLU B 277 26.54 16.45 13.94
CA GLU B 277 27.54 15.89 14.84
C GLU B 277 27.78 14.40 14.55
N ARG B 278 28.79 13.85 15.21
CA ARG B 278 29.24 12.49 14.96
C ARG B 278 28.72 11.52 16.02
N ILE B 279 28.48 10.28 15.60
CA ILE B 279 28.19 9.17 16.49
C ILE B 279 29.30 8.13 16.33
N ASN B 280 29.42 7.27 17.35
CA ASN B 280 30.36 6.15 17.33
C ASN B 280 29.62 4.88 17.72
N LEU B 281 29.60 3.91 16.81
CA LEU B 281 29.05 2.59 17.07
C LEU B 281 30.20 1.67 17.45
N SER B 282 30.02 0.89 18.52
CA SER B 282 31.06 -0.04 18.93
C SER B 282 30.44 -1.24 19.62
N PHE B 283 31.14 -2.37 19.54
CA PHE B 283 30.70 -3.65 20.06
C PHE B 283 31.82 -4.64 19.81
N THR B 284 31.73 -5.80 20.47
CA THR B 284 32.73 -6.86 20.37
C THR B 284 32.01 -8.13 19.99
N LEU B 285 32.56 -8.87 19.04
CA LEU B 285 32.02 -10.16 18.63
C LEU B 285 32.85 -11.27 19.27
N GLU B 286 32.18 -12.27 19.80
CA GLU B 286 32.82 -13.44 20.38
C GLU B 286 32.33 -14.69 19.67
N SER B 287 33.25 -15.41 19.03
CA SER B 287 32.89 -16.68 18.39
C SER B 287 32.52 -17.73 19.44
N THR B 288 31.39 -18.39 19.23
CA THR B 288 31.01 -19.55 20.05
C THR B 288 31.10 -20.83 19.23
N ALA B 289 32.03 -20.89 18.29
CA ALA B 289 32.13 -21.99 17.35
C ALA B 289 33.49 -22.66 17.47
N PRO B 290 33.56 -23.96 17.20
CA PRO B 290 34.84 -24.69 17.29
C PRO B 290 35.75 -24.53 16.08
N ALA B 291 35.42 -23.62 15.17
CA ALA B 291 36.15 -23.44 13.93
C ALA B 291 36.00 -22.00 13.45
N PRO B 292 36.89 -21.52 12.57
CA PRO B 292 36.75 -20.16 12.04
C PRO B 292 35.45 -19.97 11.28
N GLN B 293 34.96 -18.73 11.27
CA GLN B 293 33.76 -18.35 10.53
C GLN B 293 34.06 -17.10 9.71
N LYS B 294 33.69 -17.12 8.44
CA LYS B 294 33.73 -15.90 7.64
C LYS B 294 32.47 -15.09 7.93
N LEU B 295 32.65 -13.82 8.25
CA LEU B 295 31.55 -12.96 8.66
C LEU B 295 31.45 -11.75 7.76
N VAL B 296 30.22 -11.42 7.37
CA VAL B 296 29.88 -10.12 6.81
C VAL B 296 29.14 -9.37 7.92
N VAL B 297 29.79 -8.36 8.48
CA VAL B 297 29.19 -7.52 9.52
C VAL B 297 28.82 -6.19 8.89
N ASP B 298 27.53 -5.88 8.91
CA ASP B 298 26.96 -4.61 8.43
C ASP B 298 26.08 -4.03 9.54
N TYR B 299 25.66 -2.78 9.39
CA TYR B 299 24.70 -2.22 10.34
C TYR B 299 23.64 -1.41 9.62
N ALA B 300 22.54 -1.16 10.32
CA ALA B 300 21.43 -0.42 9.75
C ALA B 300 20.95 0.63 10.74
N ILE B 301 20.59 1.79 10.21
CA ILE B 301 20.00 2.85 10.98
C ILE B 301 18.57 3.03 10.49
N ASP B 302 17.60 2.95 11.40
CA ASP B 302 16.21 3.25 11.06
C ASP B 302 16.01 4.76 11.15
N TYR B 303 16.38 5.45 10.08
CA TYR B 303 16.22 6.91 10.06
C TYR B 303 14.76 7.31 10.22
N VAL B 304 14.51 8.25 11.11
CA VAL B 304 13.18 8.83 11.22
C VAL B 304 12.88 9.63 9.96
N LYS B 305 11.69 9.43 9.41
CA LYS B 305 11.25 10.08 8.18
C LYS B 305 10.24 11.18 8.50
N SER B 306 9.80 11.89 7.46
CA SER B 306 8.79 12.95 7.67
C SER B 306 7.54 12.42 8.35
N THR B 307 7.16 11.16 8.11
CA THR B 307 6.00 10.60 8.81
C THR B 307 6.28 10.31 10.27
N GLY B 308 7.55 10.29 10.68
CA GLY B 308 7.88 9.80 12.00
C GLY B 308 8.13 8.32 12.06
N HIS B 309 8.03 7.63 10.94
CA HIS B 309 8.35 6.21 10.86
C HIS B 309 9.80 6.01 10.45
N GLY B 310 10.39 4.94 10.98
CA GLY B 310 11.75 4.61 10.62
C GLY B 310 11.80 3.91 9.28
N ALA B 311 12.89 4.14 8.56
CA ALA B 311 13.15 3.45 7.30
C ALA B 311 14.60 2.99 7.32
N ALA B 312 14.81 1.69 7.17
CA ALA B 312 16.12 1.12 7.39
C ALA B 312 17.07 1.49 6.24
N LYS B 313 18.29 1.85 6.60
CA LYS B 313 19.37 2.08 5.65
C LYS B 313 20.60 1.28 6.12
N VAL B 314 21.07 0.34 5.29
CA VAL B 314 22.19 -0.52 5.64
C VAL B 314 23.51 0.13 5.21
N PHE B 315 24.49 0.08 6.08
CA PHE B 315 25.87 0.50 5.81
C PHE B 315 26.82 -0.67 6.02
N LYS B 316 27.94 -0.64 5.29
CA LYS B 316 28.97 -1.68 5.38
C LYS B 316 29.88 -1.44 6.58
N LEU B 317 30.26 -2.53 7.27
CA LEU B 317 31.07 -2.38 8.47
C LEU B 317 32.37 -3.17 8.39
N LYS B 318 32.33 -4.50 8.36
CA LYS B 318 33.57 -5.27 8.37
C LYS B 318 33.32 -6.66 7.79
N ALA B 319 34.15 -7.07 6.85
CA ALA B 319 34.15 -8.43 6.36
C ALA B 319 35.47 -9.09 6.75
N PHE B 320 35.39 -10.21 7.47
CA PHE B 320 36.59 -10.83 8.02
C PHE B 320 36.23 -12.21 8.52
N SER B 321 37.23 -12.92 9.02
CA SER B 321 37.06 -14.25 9.59
C SER B 321 37.42 -14.22 11.06
N LEU B 322 36.50 -14.70 11.88
CA LEU B 322 36.68 -14.76 13.33
C LEU B 322 37.05 -16.20 13.72
N GLY B 323 38.18 -16.35 14.41
CA GLY B 323 38.64 -17.67 14.78
C GLY B 323 37.79 -18.33 15.85
N ALA B 324 37.96 -19.65 15.97
CA ALA B 324 37.31 -20.44 17.01
C ALA B 324 37.45 -19.77 18.38
N GLY B 325 36.32 -19.37 18.96
CA GLY B 325 36.34 -18.71 20.27
C GLY B 325 37.06 -17.38 20.32
N ALA B 326 37.47 -16.85 19.17
CA ALA B 326 38.19 -15.59 19.19
C ALA B 326 37.24 -14.40 19.36
N GLN B 327 37.85 -13.24 19.58
CA GLN B 327 37.13 -12.00 19.86
C GLN B 327 37.63 -10.91 18.92
N GLN B 328 36.70 -10.09 18.42
CA GLN B 328 37.02 -8.96 17.56
C GLN B 328 36.22 -7.77 18.06
N HIS B 329 36.89 -6.69 18.42
CA HIS B 329 36.22 -5.44 18.75
C HIS B 329 36.06 -4.60 17.49
N ILE B 330 34.87 -4.04 17.31
CA ILE B 330 34.55 -3.29 16.09
C ILE B 330 34.08 -1.90 16.49
N ARG B 331 34.49 -0.90 15.72
CA ARG B 331 34.33 0.50 16.07
C ARG B 331 34.14 1.30 14.78
N ARG B 332 33.14 2.20 14.75
CA ARG B 332 32.86 2.98 13.54
C ARG B 332 32.28 4.35 13.90
N GLU B 333 32.93 5.40 13.43
CA GLU B 333 32.45 6.77 13.57
C GLU B 333 31.61 7.13 12.35
N GLN B 334 30.45 7.75 12.57
CA GLN B 334 29.61 8.23 11.47
C GLN B 334 29.17 9.66 11.71
N HIS B 335 29.31 10.49 10.68
CA HIS B 335 28.92 11.90 10.70
C HIS B 335 27.45 12.00 10.30
N ILE B 336 26.56 12.24 11.26
CA ILE B 336 25.13 12.35 10.98
C ILE B 336 24.79 13.79 10.63
N ARG B 337 24.57 14.07 9.35
CA ARG B 337 24.29 15.44 8.96
C ARG B 337 23.53 15.46 7.63
N ASP B 338 22.70 16.48 7.45
CA ASP B 338 21.96 16.65 6.20
C ASP B 338 22.93 16.71 5.03
N THR B 340 22.97 16.15 0.34
CA THR B 340 22.13 16.09 -0.86
C THR B 340 21.27 14.83 -0.88
N THR B 341 21.90 13.69 -0.65
CA THR B 341 21.22 12.40 -0.72
C THR B 341 20.44 12.02 0.54
N ARG B 342 20.42 12.80 1.63
CA ARG B 342 19.62 12.39 2.78
C ARG B 342 19.18 13.58 3.61
N LYS B 343 17.87 13.72 3.76
CA LYS B 343 17.30 14.68 4.71
C LYS B 343 17.00 13.93 6.00
N HIS B 344 17.44 14.48 7.12
CA HIS B 344 17.15 13.90 8.42
C HIS B 344 15.98 14.61 9.09
N TYR B 345 15.31 13.88 9.97
CA TYR B 345 14.25 14.32 10.87
C TYR B 345 14.62 13.95 12.30
N PRO B 346 14.23 14.75 13.27
CA PRO B 346 14.61 14.47 14.66
C PRO B 346 13.88 13.26 15.23
N GLY B 347 14.49 12.64 16.22
CA GLY B 347 13.83 11.60 16.97
C GLY B 347 14.74 10.42 17.24
N ARG B 348 14.11 9.33 17.69
CA ARG B 348 14.83 8.14 18.10
C ARG B 348 15.29 7.36 16.88
N HIS B 349 16.61 7.15 16.77
CA HIS B 349 17.24 6.46 15.65
C HIS B 349 17.81 5.14 16.16
N VAL B 350 17.20 4.05 15.75
CA VAL B 350 17.62 2.72 16.16
C VAL B 350 18.74 2.23 15.24
N VAL B 351 19.72 1.55 15.82
CA VAL B 351 20.87 1.04 15.09
C VAL B 351 20.92 -0.46 15.30
N HIS B 352 20.93 -1.22 14.20
CA HIS B 352 20.97 -2.67 14.25
C HIS B 352 22.30 -3.20 13.73
N VAL B 353 22.81 -4.24 14.39
CA VAL B 353 24.04 -4.89 13.94
C VAL B 353 23.65 -6.17 13.19
N LEU B 354 24.14 -6.31 11.97
CA LEU B 354 23.82 -7.43 11.10
C LEU B 354 25.05 -8.29 10.90
N VAL B 355 24.91 -9.59 11.16
CA VAL B 355 26.00 -10.53 10.98
C VAL B 355 25.49 -11.68 10.12
N ASN B 356 26.06 -11.84 8.94
CA ASN B 356 25.57 -12.76 7.91
C ASN B 356 24.06 -12.66 7.75
N GLY B 357 23.58 -11.43 7.57
CA GLY B 357 22.18 -11.20 7.28
C GLY B 357 21.23 -11.29 8.46
N GLU B 358 21.74 -11.37 9.69
CA GLU B 358 20.89 -11.53 10.86
C GLU B 358 21.05 -10.36 11.82
N ARG B 359 19.93 -9.81 12.31
CA ARG B 359 19.99 -8.86 13.41
C ARG B 359 20.48 -9.56 14.66
N LEU B 360 21.56 -9.08 15.25
CA LEU B 360 22.09 -9.68 16.47
C LEU B 360 22.15 -8.73 17.66
N GLY B 361 21.91 -7.43 17.45
CA GLY B 361 21.81 -6.49 18.54
C GLY B 361 21.29 -5.15 18.05
N SER B 362 20.84 -4.34 19.00
CA SER B 362 20.34 -3.01 18.70
C SER B 362 20.82 -2.04 19.77
N ALA B 363 21.11 -0.81 19.35
CA ALA B 363 21.27 0.34 20.23
C ALA B 363 20.52 1.50 19.59
N GLU B 364 20.73 2.70 20.11
CA GLU B 364 19.97 3.84 19.62
C GLU B 364 20.66 5.13 19.99
N PHE B 365 20.33 6.17 19.24
CA PHE B 365 20.64 7.53 19.64
C PHE B 365 19.44 8.39 19.30
N GLU B 366 19.37 9.55 19.95
CA GLU B 366 18.35 10.52 19.65
C GLU B 366 18.97 11.64 18.83
N LEU B 367 18.30 12.04 17.76
CA LEU B 367 18.74 13.15 16.94
C LEU B 367 17.86 14.35 17.23
N ARG B 368 18.49 15.49 17.52
CA ARG B 368 17.80 16.78 17.63
C ARG B 368 18.26 17.71 16.51
N ALA B 369 17.37 18.58 16.07
CA ALA B 369 17.72 19.53 14.99
C ALA B 369 17.83 20.95 15.49
#